data_8VX3
#
_entry.id   8VX3
#
_cell.length_a   74.939
_cell.length_b   133.059
_cell.length_c   68.050
_cell.angle_alpha   90.000
_cell.angle_beta   89.770
_cell.angle_gamma   90.000
#
_symmetry.space_group_name_H-M   'P 1 21 1'
#
loop_
_entity.id
_entity.type
_entity.pdbx_description
1 polymer SaSAS
2 non-polymer 1,2-ETHANEDIOL
3 non-polymer 'CHLORIDE ION'
4 non-polymer 'SODIUM ION'
5 water water
#
_entity_poly.entity_id   1
_entity_poly.type   'polypeptide(L)'
_entity_poly.pdbx_seq_one_letter_code
;GGWKGEGGLTLTGGENNTVDAYVERAREAERSISVQVRAAAAMSEAEMVGFDQRLKSPDSLKRKVATALAEQPGRNVDTV
LAGITAAVRYTLQWDDAAYTSGVATVADTLAGWRNDSVKWSNTWGRASGYKGLNTGWRAPRSGQLFEVQFHTEASKKAQE
TTHKLYEEQRLPSTGPERKQQLQREQDAIFAAVPVPAGADSLTAPVP
;
_entity_poly.pdbx_strand_id   A,B,C,D
#
# COMPACT_ATOMS: atom_id res chain seq x y z
N GLY A 2 18.75 -16.66 10.13
CA GLY A 2 18.95 -17.66 9.09
C GLY A 2 17.92 -18.77 9.13
N TRP A 3 17.66 -19.38 7.97
CA TRP A 3 16.68 -20.44 7.83
C TRP A 3 17.38 -21.80 7.79
N LYS A 4 16.77 -22.79 8.45
CA LYS A 4 17.31 -24.14 8.53
C LYS A 4 16.34 -25.09 7.83
N GLY A 5 16.69 -25.52 6.63
CA GLY A 5 15.92 -26.56 5.97
C GLY A 5 16.11 -27.88 6.68
N GLU A 6 15.06 -28.36 7.36
CA GLU A 6 15.16 -29.59 8.13
C GLU A 6 15.24 -30.83 7.25
N GLY A 7 15.74 -30.66 6.03
CA GLY A 7 16.05 -31.78 5.16
C GLY A 7 17.43 -31.58 4.55
N GLY A 8 18.29 -30.86 5.26
CA GLY A 8 19.62 -30.56 4.77
C GLY A 8 19.75 -29.29 3.99
N LEU A 9 18.82 -28.34 4.16
CA LEU A 9 18.84 -27.08 3.44
C LEU A 9 19.12 -25.92 4.39
N THR A 10 19.37 -24.75 3.81
CA THR A 10 19.79 -23.59 4.58
C THR A 10 19.50 -22.31 3.80
N LEU A 11 19.33 -21.22 4.54
CA LEU A 11 19.18 -19.88 3.97
C LEU A 11 19.67 -18.89 5.01
N THR A 12 20.48 -17.92 4.59
CA THR A 12 20.96 -16.91 5.52
C THR A 12 19.85 -15.93 5.87
N GLY A 13 20.06 -15.19 6.96
CA GLY A 13 19.06 -14.23 7.39
C GLY A 13 18.80 -13.15 6.36
N GLY A 14 19.84 -12.73 5.65
CA GLY A 14 19.64 -11.77 4.56
C GLY A 14 18.78 -12.34 3.44
N GLU A 15 18.92 -13.64 3.17
CA GLU A 15 18.04 -14.31 2.22
C GLU A 15 16.69 -14.64 2.87
N ASN A 16 16.70 -15.03 4.14
CA ASN A 16 15.47 -15.41 4.82
C ASN A 16 14.50 -14.24 4.90
N ASN A 17 14.99 -13.07 5.31
CA ASN A 17 14.13 -11.90 5.37
C ASN A 17 13.69 -11.45 3.98
N THR A 18 14.48 -11.78 2.96
CA THR A 18 14.06 -11.47 1.59
C THR A 18 12.85 -12.30 1.18
N VAL A 19 12.79 -13.56 1.63
CA VAL A 19 11.66 -14.41 1.31
C VAL A 19 10.44 -14.05 2.14
N ASP A 20 10.64 -13.75 3.43
CA ASP A 20 9.52 -13.37 4.29
C ASP A 20 8.89 -12.07 3.82
N ALA A 21 9.69 -11.13 3.34
CA ALA A 21 9.14 -9.93 2.73
C ALA A 21 8.36 -10.27 1.47
N TYR A 22 8.84 -11.24 0.69
CA TYR A 22 8.12 -11.69 -0.48
C TYR A 22 6.81 -12.37 -0.12
N VAL A 23 6.78 -13.08 1.01
CA VAL A 23 5.56 -13.76 1.44
C VAL A 23 4.46 -12.74 1.71
N GLU A 24 4.76 -11.72 2.51
CA GLU A 24 3.76 -10.70 2.80
C GLU A 24 3.46 -9.86 1.57
N ARG A 25 4.43 -9.70 0.67
CA ARG A 25 4.20 -8.92 -0.54
C ARG A 25 3.22 -9.63 -1.48
N ALA A 26 3.37 -10.94 -1.63
CA ALA A 26 2.46 -11.70 -2.49
C ALA A 26 1.06 -11.76 -1.88
N ARG A 27 0.97 -11.85 -0.56
CA ARG A 27 -0.34 -11.90 0.09
C ARG A 27 -1.17 -10.65 -0.21
N GLU A 28 -0.51 -9.52 -0.48
CA GLU A 28 -1.22 -8.31 -0.83
C GLU A 28 -1.75 -8.36 -2.27
N ALA A 29 -0.94 -8.86 -3.20
CA ALA A 29 -1.37 -8.98 -4.58
C ALA A 29 -2.45 -10.04 -4.74
N GLU A 30 -2.42 -11.08 -3.90
CA GLU A 30 -3.43 -12.13 -3.98
C GLU A 30 -4.84 -11.58 -3.82
N ARG A 31 -4.99 -10.54 -3.00
CA ARG A 31 -6.30 -9.93 -2.80
C ARG A 31 -6.89 -9.47 -4.12
N SER A 32 -6.12 -8.73 -4.91
CA SER A 32 -6.60 -8.27 -6.20
C SER A 32 -6.66 -9.39 -7.23
N ILE A 33 -5.91 -10.48 -7.01
CA ILE A 33 -5.92 -11.58 -7.96
C ILE A 33 -7.11 -12.50 -7.72
N SER A 34 -7.34 -12.87 -6.45
CA SER A 34 -8.51 -13.68 -6.12
C SER A 34 -9.81 -12.99 -6.54
N VAL A 35 -9.83 -11.66 -6.51
CA VAL A 35 -10.97 -10.92 -7.05
C VAL A 35 -11.15 -11.22 -8.53
N GLN A 36 -10.08 -11.09 -9.31
CA GLN A 36 -10.17 -11.32 -10.74
C GLN A 36 -10.32 -12.79 -11.09
N VAL A 37 -10.00 -13.69 -10.15
CA VAL A 37 -10.11 -15.12 -10.40
C VAL A 37 -11.50 -15.63 -10.04
N ARG A 38 -11.99 -15.29 -8.84
CA ARG A 38 -13.34 -15.69 -8.46
C ARG A 38 -14.39 -15.14 -9.42
N ALA A 39 -14.09 -13.99 -10.04
CA ALA A 39 -15.00 -13.42 -11.04
C ALA A 39 -15.19 -14.37 -12.22
N ALA A 40 -14.11 -14.68 -12.92
CA ALA A 40 -14.20 -15.59 -14.07
C ALA A 40 -14.68 -16.97 -13.64
N ALA A 41 -14.35 -17.39 -12.42
CA ALA A 41 -14.89 -18.65 -11.92
C ALA A 41 -16.41 -18.59 -11.82
N ALA A 42 -16.96 -17.40 -11.59
CA ALA A 42 -18.40 -17.22 -11.62
C ALA A 42 -18.91 -16.88 -13.02
N MET A 43 -18.14 -16.10 -13.78
CA MET A 43 -18.53 -15.75 -15.14
C MET A 43 -18.57 -16.96 -16.07
N SER A 44 -17.98 -18.08 -15.67
CA SER A 44 -18.02 -19.31 -16.46
C SER A 44 -18.63 -20.47 -15.68
N GLU A 45 -19.30 -20.19 -14.56
N GLU A 45 -19.30 -20.19 -14.56
CA GLU A 45 -19.91 -21.21 -13.70
CA GLU A 45 -19.91 -21.22 -13.72
C GLU A 45 -18.90 -22.27 -13.28
C GLU A 45 -18.90 -22.27 -13.28
N ALA A 46 -17.64 -21.87 -13.12
CA ALA A 46 -16.61 -22.80 -12.71
C ALA A 46 -16.65 -23.02 -11.21
N GLU A 47 -16.03 -24.12 -10.77
CA GLU A 47 -15.90 -24.45 -9.36
C GLU A 47 -14.46 -24.23 -8.93
N MET A 48 -14.28 -23.74 -7.70
CA MET A 48 -12.97 -23.41 -7.17
C MET A 48 -12.63 -24.35 -6.03
N VAL A 49 -11.69 -25.26 -6.27
CA VAL A 49 -11.20 -26.17 -5.24
C VAL A 49 -9.74 -25.85 -4.98
N GLY A 50 -9.28 -26.24 -3.79
CA GLY A 50 -7.95 -25.84 -3.37
C GLY A 50 -7.79 -24.37 -3.08
N PHE A 51 -8.91 -23.63 -3.02
CA PHE A 51 -8.85 -22.20 -2.76
C PHE A 51 -8.40 -21.90 -1.34
N ASP A 52 -8.65 -22.84 -0.41
CA ASP A 52 -8.16 -22.68 0.96
C ASP A 52 -6.64 -22.72 1.05
N GLN A 53 -5.96 -23.18 0.01
CA GLN A 53 -4.50 -23.19 -0.06
C GLN A 53 -4.01 -22.47 -1.30
N ARG A 54 -4.63 -21.32 -1.60
CA ARG A 54 -4.27 -20.56 -2.79
C ARG A 54 -2.89 -19.93 -2.69
N LEU A 55 -2.34 -19.82 -1.48
CA LEU A 55 -1.01 -19.27 -1.27
C LEU A 55 -0.05 -20.38 -0.86
N LYS A 56 1.14 -20.38 -1.44
CA LYS A 56 2.11 -21.42 -1.15
C LYS A 56 2.63 -21.29 0.28
N SER A 57 3.01 -22.41 0.87
CA SER A 57 3.46 -22.42 2.25
C SER A 57 4.77 -21.65 2.38
N PRO A 58 4.97 -20.92 3.49
CA PRO A 58 6.25 -20.21 3.64
C PRO A 58 7.45 -21.14 3.66
N ASP A 59 7.38 -22.23 4.42
CA ASP A 59 8.48 -23.18 4.47
C ASP A 59 8.68 -23.84 3.10
N SER A 60 7.60 -24.32 2.48
CA SER A 60 7.70 -24.93 1.16
C SER A 60 8.26 -23.95 0.13
N LEU A 61 7.99 -22.66 0.30
CA LEU A 61 8.56 -21.67 -0.60
C LEU A 61 10.07 -21.56 -0.44
N LYS A 62 10.55 -21.64 0.81
CA LYS A 62 11.98 -21.51 1.05
C LYS A 62 12.75 -22.75 0.61
N ARG A 63 12.12 -23.93 0.71
CA ARG A 63 12.78 -25.15 0.25
C ARG A 63 13.07 -25.09 -1.24
N LYS A 64 12.10 -24.62 -2.03
CA LYS A 64 12.33 -24.50 -3.47
C LYS A 64 13.38 -23.46 -3.79
N VAL A 65 13.55 -22.46 -2.91
CA VAL A 65 14.60 -21.46 -3.12
C VAL A 65 15.95 -22.01 -2.72
N ALA A 66 16.05 -22.62 -1.53
CA ALA A 66 17.32 -23.19 -1.08
C ALA A 66 17.77 -24.32 -1.99
N THR A 67 16.84 -25.03 -2.62
CA THR A 67 17.20 -26.05 -3.60
C THR A 67 17.71 -25.41 -4.89
N ALA A 68 17.03 -24.36 -5.35
CA ALA A 68 17.48 -23.67 -6.55
C ALA A 68 18.83 -23.00 -6.35
N LEU A 69 19.10 -22.48 -5.15
CA LEU A 69 20.41 -21.91 -4.86
C LEU A 69 21.50 -22.97 -4.94
N ALA A 70 21.19 -24.19 -4.49
CA ALA A 70 22.17 -25.27 -4.56
C ALA A 70 22.40 -25.69 -6.01
N GLU A 71 21.35 -25.73 -6.82
CA GLU A 71 21.51 -26.13 -8.22
C GLU A 71 22.27 -25.07 -9.00
N GLN A 72 22.01 -23.79 -8.73
CA GLN A 72 22.62 -22.69 -9.46
C GLN A 72 23.18 -21.67 -8.47
N PRO A 73 24.42 -21.85 -8.01
CA PRO A 73 25.08 -20.77 -7.26
C PRO A 73 25.29 -19.55 -8.14
N GLY A 74 25.61 -18.44 -7.50
CA GLY A 74 25.69 -17.15 -8.18
C GLY A 74 24.34 -16.49 -8.32
N ARG A 75 23.30 -17.28 -8.54
CA ARG A 75 21.94 -16.78 -8.51
C ARG A 75 21.60 -16.29 -7.10
N ASN A 76 21.15 -15.05 -6.99
CA ASN A 76 20.69 -14.53 -5.73
C ASN A 76 19.21 -14.87 -5.53
N VAL A 77 18.77 -14.79 -4.27
CA VAL A 77 17.38 -15.10 -3.96
C VAL A 77 16.43 -14.16 -4.69
N ASP A 78 16.89 -12.97 -5.07
CA ASP A 78 16.04 -12.04 -5.80
C ASP A 78 15.64 -12.61 -7.15
N THR A 79 16.61 -13.17 -7.89
CA THR A 79 16.29 -13.81 -9.15
C THR A 79 15.58 -15.14 -8.94
N VAL A 80 15.92 -15.86 -7.87
CA VAL A 80 15.26 -17.13 -7.60
C VAL A 80 13.79 -16.91 -7.28
N LEU A 81 13.50 -15.94 -6.41
CA LEU A 81 12.10 -15.60 -6.14
C LEU A 81 11.41 -15.07 -7.39
N ALA A 82 12.16 -14.45 -8.29
CA ALA A 82 11.59 -13.94 -9.53
C ALA A 82 11.19 -15.05 -10.50
N GLY A 83 11.62 -16.28 -10.26
CA GLY A 83 11.28 -17.38 -11.13
C GLY A 83 10.16 -18.24 -10.60
N ILE A 84 9.77 -18.02 -9.34
CA ILE A 84 8.70 -18.80 -8.73
C ILE A 84 7.39 -18.50 -9.45
N THR A 85 6.71 -19.57 -9.90
CA THR A 85 5.49 -19.43 -10.69
C THR A 85 4.24 -19.84 -9.95
N ALA A 86 4.33 -20.72 -8.96
CA ALA A 86 3.16 -21.24 -8.25
C ALA A 86 3.10 -20.78 -6.80
N ALA A 87 3.61 -19.58 -6.51
CA ALA A 87 3.50 -19.04 -5.17
C ALA A 87 2.04 -18.81 -4.79
N VAL A 88 1.26 -18.28 -5.71
CA VAL A 88 -0.19 -18.19 -5.59
C VAL A 88 -0.79 -18.98 -6.74
N ARG A 89 -1.81 -19.77 -6.45
CA ARG A 89 -2.32 -20.73 -7.42
C ARG A 89 -3.79 -20.99 -7.17
N TYR A 90 -4.49 -21.38 -8.24
CA TYR A 90 -5.92 -21.66 -8.18
C TYR A 90 -6.24 -22.83 -9.10
N THR A 91 -7.39 -23.45 -8.85
CA THR A 91 -7.86 -24.58 -9.64
C THR A 91 -9.33 -24.38 -9.97
N LEU A 92 -9.66 -24.42 -11.25
CA LEU A 92 -11.03 -24.26 -11.72
C LEU A 92 -11.54 -25.57 -12.29
N GLN A 93 -12.69 -26.01 -11.79
CA GLN A 93 -13.31 -27.25 -12.21
C GLN A 93 -14.54 -26.98 -13.06
N TRP A 94 -14.91 -27.99 -13.85
CA TRP A 94 -16.11 -27.94 -14.67
C TRP A 94 -16.63 -29.35 -14.86
N ASP A 95 -17.84 -29.44 -15.40
CA ASP A 95 -18.25 -30.66 -16.06
C ASP A 95 -17.53 -30.78 -17.39
N ASP A 96 -17.45 -32.00 -17.90
CA ASP A 96 -16.74 -32.21 -19.17
C ASP A 96 -17.41 -31.48 -20.32
N ALA A 97 -18.69 -31.13 -20.20
CA ALA A 97 -19.38 -30.43 -21.28
C ALA A 97 -18.99 -28.95 -21.32
N ALA A 98 -18.92 -28.29 -20.17
CA ALA A 98 -18.64 -26.86 -20.11
C ALA A 98 -17.18 -26.55 -19.79
N TYR A 99 -16.31 -27.56 -19.84
CA TYR A 99 -14.90 -27.32 -19.51
C TYR A 99 -14.24 -26.44 -20.55
N THR A 100 -14.28 -26.86 -21.82
CA THR A 100 -13.57 -26.14 -22.88
C THR A 100 -14.06 -24.71 -23.00
N SER A 101 -15.37 -24.50 -22.97
CA SER A 101 -15.88 -23.14 -23.07
C SER A 101 -15.57 -22.33 -21.82
N GLY A 102 -15.55 -22.97 -20.65
CA GLY A 102 -15.25 -22.24 -19.42
C GLY A 102 -13.81 -21.79 -19.36
N VAL A 103 -12.89 -22.59 -19.88
CA VAL A 103 -11.47 -22.23 -19.88
C VAL A 103 -11.25 -21.01 -20.76
N ALA A 104 -11.83 -20.99 -21.95
CA ALA A 104 -11.65 -19.86 -22.86
C ALA A 104 -12.22 -18.57 -22.26
N THR A 105 -13.27 -18.68 -21.44
CA THR A 105 -13.80 -17.51 -20.77
C THR A 105 -12.81 -16.96 -19.75
N VAL A 106 -12.30 -17.84 -18.88
CA VAL A 106 -11.36 -17.41 -17.84
C VAL A 106 -10.09 -16.83 -18.47
N ALA A 107 -9.58 -17.47 -19.52
CA ALA A 107 -8.35 -17.00 -20.13
C ALA A 107 -8.54 -15.63 -20.79
N ASP A 108 -9.69 -15.41 -21.42
CA ASP A 108 -9.93 -14.13 -22.08
C ASP A 108 -10.22 -13.03 -21.06
N THR A 109 -10.99 -13.34 -20.02
CA THR A 109 -11.29 -12.33 -19.01
C THR A 109 -10.03 -11.95 -18.22
N LEU A 110 -9.13 -12.90 -18.01
CA LEU A 110 -7.85 -12.58 -17.38
C LEU A 110 -6.99 -11.73 -18.30
N ALA A 111 -6.84 -12.16 -19.56
CA ALA A 111 -6.06 -11.38 -20.51
C ALA A 111 -6.67 -9.99 -20.71
N GLY A 112 -7.99 -9.90 -20.75
CA GLY A 112 -8.63 -8.60 -20.90
C GLY A 112 -8.36 -7.69 -19.72
N TRP A 113 -8.12 -8.26 -18.54
CA TRP A 113 -7.75 -7.51 -17.35
C TRP A 113 -6.24 -7.32 -17.23
N ARG A 114 -5.53 -7.31 -18.35
CA ARG A 114 -4.11 -6.99 -18.41
C ARG A 114 -3.24 -8.01 -17.67
N ASN A 115 -3.69 -9.26 -17.62
CA ASN A 115 -2.84 -10.34 -17.16
C ASN A 115 -2.11 -10.96 -18.34
N ASP A 116 -0.87 -11.39 -18.09
CA ASP A 116 0.02 -11.88 -19.12
C ASP A 116 0.13 -13.40 -19.04
N SER A 117 -0.01 -14.07 -20.18
CA SER A 117 0.13 -15.52 -20.25
C SER A 117 1.61 -15.89 -20.29
N VAL A 118 2.08 -16.61 -19.28
CA VAL A 118 3.48 -17.03 -19.23
C VAL A 118 3.66 -18.43 -19.79
N LYS A 119 2.78 -19.36 -19.44
CA LYS A 119 2.91 -20.76 -19.83
C LYS A 119 1.54 -21.27 -20.25
N TRP A 120 1.54 -22.43 -20.92
CA TRP A 120 0.30 -23.05 -21.37
C TRP A 120 0.59 -24.55 -21.54
N SER A 121 0.47 -25.29 -20.45
CA SER A 121 0.83 -26.71 -20.41
C SER A 121 -0.38 -27.58 -20.75
N ASN A 122 -0.76 -27.53 -22.02
CA ASN A 122 -1.88 -28.30 -22.53
C ASN A 122 -1.42 -29.72 -22.83
N THR A 123 -1.82 -30.68 -22.00
CA THR A 123 -1.41 -32.07 -22.13
C THR A 123 -2.61 -32.99 -22.30
N TRP A 124 -3.61 -32.54 -23.07
CA TRP A 124 -4.79 -33.36 -23.32
C TRP A 124 -4.61 -34.29 -24.51
N GLY A 125 -3.89 -33.87 -25.54
CA GLY A 125 -3.72 -34.67 -26.73
C GLY A 125 -2.62 -35.71 -26.63
N ARG A 126 -2.16 -35.98 -25.41
CA ARG A 126 -1.11 -36.96 -25.18
C ARG A 126 -1.72 -38.33 -24.90
N ALA A 127 -1.30 -39.33 -25.67
CA ALA A 127 -1.80 -40.68 -25.49
C ALA A 127 -1.34 -41.30 -24.18
N SER A 128 -0.25 -40.79 -23.61
CA SER A 128 0.25 -41.27 -22.33
C SER A 128 0.74 -40.10 -21.51
N GLY A 129 0.56 -40.19 -20.20
CA GLY A 129 0.93 -39.13 -19.28
C GLY A 129 -0.30 -38.44 -18.70
N TYR A 130 -0.03 -37.44 -17.87
CA TYR A 130 -1.11 -36.73 -17.20
C TYR A 130 -1.83 -35.83 -18.21
N LYS A 131 -3.15 -35.72 -18.05
CA LYS A 131 -3.97 -34.84 -18.86
C LYS A 131 -4.33 -33.60 -18.05
N GLY A 132 -4.24 -32.45 -18.69
CA GLY A 132 -4.60 -31.20 -18.04
C GLY A 132 -4.05 -30.01 -18.79
N LEU A 133 -4.33 -28.84 -18.22
CA LEU A 133 -3.85 -27.56 -18.77
C LEU A 133 -3.45 -26.67 -17.61
N ASN A 134 -2.16 -26.60 -17.33
CA ASN A 134 -1.62 -25.72 -16.31
C ASN A 134 -1.12 -24.44 -16.97
N THR A 135 -1.53 -23.29 -16.44
CA THR A 135 -1.25 -22.00 -17.05
C THR A 135 -0.46 -21.13 -16.08
N GLY A 136 0.30 -20.20 -16.64
CA GLY A 136 1.06 -19.26 -15.85
C GLY A 136 0.69 -17.82 -16.17
N TRP A 137 0.51 -17.00 -15.14
CA TRP A 137 0.06 -15.63 -15.30
C TRP A 137 0.87 -14.70 -14.43
N ARG A 138 0.99 -13.44 -14.87
CA ARG A 138 1.67 -12.40 -14.12
C ARG A 138 0.70 -11.22 -13.96
N ALA A 139 0.42 -10.87 -12.71
CA ALA A 139 -0.54 -9.81 -12.44
C ALA A 139 -0.08 -8.50 -13.06
N PRO A 140 -1.01 -7.64 -13.50
CA PRO A 140 -0.63 -6.45 -14.28
C PRO A 140 0.31 -5.50 -13.54
N ARG A 141 -0.13 -4.94 -12.42
CA ARG A 141 0.68 -3.95 -11.73
C ARG A 141 1.58 -4.56 -10.68
N SER A 142 1.10 -5.56 -9.93
CA SER A 142 1.92 -6.18 -8.90
C SER A 142 3.01 -7.06 -9.50
N GLY A 143 2.86 -7.50 -10.74
CA GLY A 143 3.85 -8.36 -11.36
C GLY A 143 4.00 -9.70 -10.71
N GLN A 144 3.04 -10.11 -9.89
CA GLN A 144 3.13 -11.38 -9.19
C GLN A 144 2.80 -12.54 -10.12
N LEU A 145 3.66 -13.54 -10.12
CA LEU A 145 3.45 -14.74 -10.95
C LEU A 145 2.53 -15.70 -10.22
N PHE A 146 1.43 -16.07 -10.86
CA PHE A 146 0.51 -17.05 -10.30
C PHE A 146 0.10 -18.02 -11.39
N GLU A 147 -0.36 -19.19 -10.97
CA GLU A 147 -0.75 -20.25 -11.88
C GLU A 147 -2.21 -20.61 -11.71
N VAL A 148 -2.82 -21.08 -12.80
CA VAL A 148 -4.18 -21.60 -12.81
C VAL A 148 -4.17 -22.90 -13.59
N GLN A 149 -4.52 -24.00 -12.93
CA GLN A 149 -4.64 -25.30 -13.57
C GLN A 149 -6.13 -25.64 -13.70
N PHE A 150 -6.60 -25.72 -14.94
CA PHE A 150 -8.01 -26.01 -15.22
C PHE A 150 -8.22 -27.52 -15.23
N HIS A 151 -9.11 -28.00 -14.37
CA HIS A 151 -9.38 -29.42 -14.25
C HIS A 151 -10.87 -29.69 -14.47
N THR A 152 -11.19 -30.97 -14.57
CA THR A 152 -12.57 -31.46 -14.56
C THR A 152 -12.80 -32.24 -13.26
N GLU A 153 -14.01 -32.75 -13.11
CA GLU A 153 -14.29 -33.62 -11.96
C GLU A 153 -13.48 -34.90 -12.04
N ALA A 154 -13.21 -35.40 -13.26
CA ALA A 154 -12.43 -36.60 -13.45
C ALA A 154 -10.93 -36.33 -13.51
N SER A 155 -10.53 -35.23 -14.16
CA SER A 155 -9.12 -34.91 -14.25
C SER A 155 -8.54 -34.55 -12.89
N LYS A 156 -9.32 -33.86 -12.06
CA LYS A 156 -8.89 -33.61 -10.69
C LYS A 156 -8.87 -34.90 -9.87
N LYS A 157 -9.80 -35.81 -10.14
CA LYS A 157 -9.78 -37.11 -9.48
C LYS A 157 -8.58 -37.94 -9.88
N ALA A 158 -8.00 -37.69 -11.05
CA ALA A 158 -6.77 -38.36 -11.44
C ALA A 158 -5.64 -38.03 -10.47
N GLN A 159 -5.32 -36.74 -10.35
CA GLN A 159 -4.28 -36.34 -9.41
C GLN A 159 -4.69 -36.61 -7.96
N GLU A 160 -5.99 -36.66 -7.68
CA GLU A 160 -6.45 -37.06 -6.35
C GLU A 160 -6.10 -38.50 -6.04
N THR A 161 -5.92 -39.35 -7.06
CA THR A 161 -5.63 -40.76 -6.87
C THR A 161 -4.27 -41.19 -7.40
N THR A 162 -3.71 -40.49 -8.39
CA THR A 162 -2.40 -40.87 -8.91
C THR A 162 -1.26 -40.42 -8.01
N HIS A 163 -1.51 -39.49 -7.09
CA HIS A 163 -0.45 -39.05 -6.20
C HIS A 163 -0.06 -40.15 -5.21
N LYS A 164 -1.01 -40.99 -4.80
CA LYS A 164 -0.68 -42.11 -3.94
C LYS A 164 0.14 -43.17 -4.68
N LEU A 165 -0.04 -43.28 -5.99
CA LEU A 165 0.83 -44.13 -6.79
C LEU A 165 2.17 -43.45 -7.04
N TYR A 166 2.17 -42.12 -7.22
CA TYR A 166 3.43 -41.37 -7.21
C TYR A 166 4.19 -41.59 -5.91
N GLU A 167 3.47 -41.77 -4.81
CA GLU A 167 4.11 -41.96 -3.51
C GLU A 167 4.89 -43.27 -3.46
N GLU A 168 4.29 -44.35 -3.96
CA GLU A 168 4.91 -45.67 -3.91
C GLU A 168 5.67 -46.00 -5.21
N GLN A 169 5.88 -45.03 -6.08
CA GLN A 169 6.66 -45.22 -7.30
C GLN A 169 7.92 -44.36 -7.32
N ARG A 170 7.81 -43.08 -6.96
CA ARG A 170 8.99 -42.24 -6.88
C ARG A 170 9.94 -42.68 -5.78
N LEU A 171 9.40 -43.27 -4.72
CA LEU A 171 10.22 -43.68 -3.58
C LEU A 171 10.72 -45.10 -3.81
N PRO A 172 12.03 -45.31 -3.90
CA PRO A 172 12.54 -46.67 -4.11
C PRO A 172 12.68 -47.46 -2.82
N SER A 173 11.78 -47.22 -1.86
CA SER A 173 11.82 -47.98 -0.62
C SER A 173 11.62 -49.47 -0.89
N THR A 174 10.59 -49.81 -1.66
CA THR A 174 10.38 -51.17 -2.15
C THR A 174 9.86 -51.11 -3.59
N GLY A 175 10.50 -50.27 -4.39
CA GLY A 175 10.11 -50.09 -5.77
C GLY A 175 11.18 -49.38 -6.60
N LYS A 179 7.38 -50.44 -9.75
CA LYS A 179 7.64 -49.08 -10.21
C LYS A 179 6.92 -48.80 -11.54
N GLN A 180 7.49 -49.31 -12.63
CA GLN A 180 6.87 -49.15 -13.94
C GLN A 180 5.60 -49.98 -14.11
N GLN A 181 5.33 -50.92 -13.20
CA GLN A 181 4.07 -51.62 -13.23
C GLN A 181 2.91 -50.71 -12.86
N LEU A 182 3.17 -49.74 -11.98
CA LEU A 182 2.17 -48.71 -11.68
C LEU A 182 2.19 -47.59 -12.69
N GLN A 183 3.25 -47.48 -13.50
CA GLN A 183 3.26 -46.50 -14.58
C GLN A 183 2.13 -46.76 -15.56
N ARG A 184 1.74 -48.03 -15.72
CA ARG A 184 0.54 -48.35 -16.49
C ARG A 184 -0.73 -48.11 -15.67
N GLU A 185 -0.67 -48.40 -14.37
CA GLU A 185 -1.83 -48.18 -13.50
C GLU A 185 -2.25 -46.72 -13.51
N GLN A 186 -1.31 -45.79 -13.68
CA GLN A 186 -1.63 -44.38 -13.73
C GLN A 186 -2.14 -43.97 -15.10
N ASP A 187 -1.44 -44.39 -16.15
CA ASP A 187 -1.88 -44.07 -17.50
C ASP A 187 -3.21 -44.73 -17.85
N ALA A 188 -3.58 -45.81 -17.17
CA ALA A 188 -4.91 -46.37 -17.34
C ALA A 188 -5.98 -45.40 -16.84
N ILE A 189 -5.70 -44.68 -15.75
CA ILE A 189 -6.62 -43.67 -15.27
C ILE A 189 -6.58 -42.45 -16.18
N PHE A 190 -5.39 -42.08 -16.66
CA PHE A 190 -5.28 -40.97 -17.59
C PHE A 190 -6.02 -41.25 -18.89
N ALA A 191 -5.97 -42.50 -19.37
CA ALA A 191 -6.76 -42.87 -20.53
C ALA A 191 -8.24 -42.97 -20.19
N ALA A 192 -8.57 -43.36 -18.96
CA ALA A 192 -9.96 -43.42 -18.53
C ALA A 192 -10.57 -42.04 -18.35
N VAL A 193 -9.75 -41.01 -18.17
CA VAL A 193 -10.23 -39.63 -18.05
C VAL A 193 -10.68 -39.15 -19.43
N PRO A 194 -11.95 -38.79 -19.59
CA PRO A 194 -12.40 -38.29 -20.89
C PRO A 194 -11.80 -36.93 -21.21
N VAL A 195 -11.50 -36.73 -22.48
CA VAL A 195 -10.94 -35.47 -22.97
C VAL A 195 -12.10 -34.65 -23.56
N PRO A 196 -12.45 -33.51 -22.99
CA PRO A 196 -13.52 -32.69 -23.56
C PRO A 196 -13.20 -32.25 -24.99
N ALA A 197 -14.25 -32.08 -25.78
CA ALA A 197 -14.11 -31.69 -27.18
C ALA A 197 -13.44 -30.33 -27.30
N GLY A 198 -12.18 -30.31 -27.70
CA GLY A 198 -11.42 -29.08 -27.83
C GLY A 198 -10.44 -28.81 -26.71
N ALA A 199 -10.36 -29.70 -25.70
CA ALA A 199 -9.43 -29.48 -24.60
C ALA A 199 -7.99 -29.54 -25.08
N ASP A 200 -7.69 -30.44 -26.03
CA ASP A 200 -6.35 -30.51 -26.61
C ASP A 200 -6.07 -29.38 -27.58
N SER A 201 -7.07 -28.56 -27.91
CA SER A 201 -6.88 -27.42 -28.81
C SER A 201 -6.89 -26.09 -28.08
N LEU A 202 -6.78 -26.11 -26.75
CA LEU A 202 -6.81 -24.89 -25.95
C LEU A 202 -5.46 -24.17 -26.05
N THR A 203 -5.49 -22.95 -26.56
CA THR A 203 -4.30 -22.13 -26.73
C THR A 203 -4.35 -20.92 -25.81
N ALA A 204 -3.17 -20.38 -25.52
CA ALA A 204 -3.10 -19.18 -24.71
C ALA A 204 -3.72 -18.01 -25.46
N PRO A 205 -4.52 -17.18 -24.79
CA PRO A 205 -5.18 -16.06 -25.48
C PRO A 205 -4.18 -14.96 -25.80
N VAL A 206 -4.17 -14.53 -27.06
CA VAL A 206 -3.29 -13.46 -27.50
C VAL A 206 -3.87 -12.12 -27.03
N PRO A 207 -3.12 -11.32 -26.26
CA PRO A 207 -3.58 -10.03 -25.74
C PRO A 207 -3.20 -8.87 -26.64
N GLY B 2 -19.91 -5.11 15.78
CA GLY B 2 -19.49 -6.46 16.11
C GLY B 2 -18.50 -6.53 17.25
N TRP B 3 -18.27 -5.39 17.90
CA TRP B 3 -17.35 -5.29 19.02
C TRP B 3 -18.06 -4.73 20.25
N LYS B 4 -17.71 -5.26 21.41
CA LYS B 4 -18.28 -4.81 22.68
C LYS B 4 -17.17 -4.36 23.62
N GLY B 5 -17.51 -3.45 24.51
CA GLY B 5 -16.60 -2.93 25.51
C GLY B 5 -16.82 -3.56 26.87
N GLU B 6 -16.60 -2.77 27.92
CA GLU B 6 -16.81 -3.22 29.29
C GLU B 6 -17.94 -2.51 30.01
N GLY B 7 -18.37 -1.35 29.52
CA GLY B 7 -19.42 -0.60 30.18
C GLY B 7 -20.45 -0.03 29.21
N GLY B 8 -20.90 -0.84 28.26
CA GLY B 8 -21.92 -0.43 27.33
C GLY B 8 -21.42 0.13 26.02
N LEU B 9 -20.11 0.12 25.78
CA LEU B 9 -19.55 0.61 24.53
C LEU B 9 -19.72 -0.44 23.44
N THR B 10 -20.19 -0.02 22.27
CA THR B 10 -20.51 -0.94 21.19
C THR B 10 -20.14 -0.31 19.85
N LEU B 11 -19.79 -1.17 18.90
CA LEU B 11 -19.49 -0.77 17.53
C LEU B 11 -20.15 -1.75 16.57
N THR B 12 -20.73 -1.23 15.49
CA THR B 12 -21.36 -2.11 14.52
C THR B 12 -20.31 -2.88 13.72
N GLY B 13 -20.79 -3.80 12.88
CA GLY B 13 -19.88 -4.66 12.15
C GLY B 13 -18.95 -3.89 11.23
N GLY B 14 -19.52 -2.99 10.42
CA GLY B 14 -18.69 -2.20 9.51
C GLY B 14 -17.79 -1.22 10.24
N GLU B 15 -18.20 -0.77 11.43
CA GLU B 15 -17.37 0.14 12.20
C GLU B 15 -16.10 -0.55 12.70
N ASN B 16 -16.24 -1.78 13.21
CA ASN B 16 -15.08 -2.52 13.69
C ASN B 16 -14.13 -2.84 12.55
N ASN B 17 -14.65 -3.07 11.34
CA ASN B 17 -13.80 -3.31 10.19
C ASN B 17 -13.04 -2.03 9.80
N THR B 18 -13.71 -0.88 9.93
CA THR B 18 -13.03 0.39 9.65
C THR B 18 -11.89 0.62 10.61
N VAL B 19 -12.02 0.19 11.86
CA VAL B 19 -10.96 0.38 12.83
C VAL B 19 -9.80 -0.57 12.56
N ASP B 20 -10.09 -1.86 12.39
CA ASP B 20 -9.03 -2.83 12.11
C ASP B 20 -8.27 -2.47 10.84
N ALA B 21 -8.96 -1.90 9.84
CA ALA B 21 -8.26 -1.39 8.67
C ALA B 21 -7.43 -0.16 9.04
N TYR B 22 -7.99 0.72 9.85
CA TYR B 22 -7.24 1.90 10.30
C TYR B 22 -6.05 1.51 11.16
N VAL B 23 -6.16 0.43 11.93
CA VAL B 23 -5.05 -0.02 12.76
C VAL B 23 -3.89 -0.47 11.90
N GLU B 24 -4.16 -1.37 10.94
CA GLU B 24 -3.10 -1.85 10.06
C GLU B 24 -2.62 -0.76 9.11
N ARG B 25 -3.49 0.20 8.78
CA ARG B 25 -3.07 1.32 7.94
C ARG B 25 -2.11 2.23 8.68
N ALA B 26 -2.26 2.36 10.00
CA ALA B 26 -1.39 3.24 10.77
C ALA B 26 -0.01 2.65 10.97
N ARG B 27 0.07 1.32 11.13
CA ARG B 27 1.37 0.69 11.33
C ARG B 27 2.30 0.93 10.14
N GLU B 28 1.73 0.99 8.92
CA GLU B 28 2.54 1.34 7.75
C GLU B 28 3.05 2.77 7.84
N ALA B 29 2.18 3.70 8.22
CA ALA B 29 2.59 5.09 8.35
C ALA B 29 3.57 5.27 9.51
N GLU B 30 3.42 4.46 10.56
CA GLU B 30 4.34 4.55 11.69
C GLU B 30 5.77 4.21 11.28
N ARG B 31 5.94 3.32 10.30
CA ARG B 31 7.27 2.96 9.83
C ARG B 31 8.06 4.20 9.41
N SER B 32 7.52 4.96 8.45
CA SER B 32 8.20 6.15 7.97
C SER B 32 8.36 7.19 9.06
N ILE B 33 7.44 7.22 10.02
CA ILE B 33 7.49 8.24 11.07
C ILE B 33 8.51 7.85 12.14
N SER B 34 8.50 6.59 12.58
CA SER B 34 9.50 6.13 13.52
C SER B 34 10.91 6.30 12.99
N VAL B 35 11.08 6.32 11.67
CA VAL B 35 12.38 6.63 11.09
C VAL B 35 12.75 8.08 11.37
N GLN B 36 11.89 9.01 10.99
CA GLN B 36 12.20 10.43 11.14
C GLN B 36 12.26 10.84 12.61
N VAL B 37 11.52 10.16 13.47
CA VAL B 37 11.56 10.50 14.90
C VAL B 37 12.88 10.04 15.52
N ARG B 38 13.27 8.79 15.25
CA ARG B 38 14.57 8.31 15.73
C ARG B 38 15.71 9.18 15.20
N ALA B 39 15.56 9.71 13.99
CA ALA B 39 16.59 10.58 13.44
C ALA B 39 16.71 11.87 14.24
N ALA B 40 15.58 12.54 14.49
CA ALA B 40 15.60 13.79 15.23
C ALA B 40 16.10 13.58 16.65
N ALA B 41 15.74 12.45 17.28
CA ALA B 41 16.23 12.16 18.61
C ALA B 41 17.73 11.93 18.63
N ALA B 42 18.28 11.45 17.51
CA ALA B 42 19.73 11.23 17.44
C ALA B 42 20.48 12.54 17.22
N MET B 43 20.01 13.37 16.29
CA MET B 43 20.63 14.66 16.04
C MET B 43 20.23 15.70 17.08
N SER B 44 19.60 15.27 18.16
CA SER B 44 19.28 16.14 19.30
C SER B 44 19.58 15.46 20.62
N GLU B 45 20.25 14.30 20.61
CA GLU B 45 20.69 13.64 21.84
C GLU B 45 19.50 13.29 22.73
N ALA B 46 18.32 13.16 22.13
CA ALA B 46 17.12 12.84 22.87
C ALA B 46 17.07 11.35 23.21
N GLU B 47 16.51 11.05 24.37
CA GLU B 47 16.35 9.67 24.84
C GLU B 47 14.92 9.23 24.59
N MET B 48 14.75 8.23 23.73
CA MET B 48 13.43 7.74 23.37
C MET B 48 12.83 6.96 24.53
N VAL B 49 11.64 7.38 24.97
CA VAL B 49 10.91 6.68 26.01
C VAL B 49 9.56 6.28 25.44
N GLY B 50 9.02 5.16 25.94
CA GLY B 50 7.74 4.69 25.46
C GLY B 50 7.71 4.27 24.01
N PHE B 51 8.88 3.99 23.42
CA PHE B 51 8.94 3.53 22.05
C PHE B 51 8.39 2.12 21.91
N ASP B 52 8.42 1.33 22.98
CA ASP B 52 7.81 0.00 22.95
C ASP B 52 6.30 0.09 22.83
N GLN B 53 5.70 1.08 23.49
CA GLN B 53 4.25 1.34 23.41
C GLN B 53 3.95 2.47 22.44
N ARG B 54 4.69 2.58 21.34
CA ARG B 54 4.50 3.68 20.42
C ARG B 54 3.18 3.59 19.67
N LEU B 55 2.58 2.41 19.60
CA LEU B 55 1.31 2.20 18.90
C LEU B 55 0.22 1.92 19.91
N LYS B 56 -0.88 2.67 19.79
CA LYS B 56 -2.04 2.43 20.65
C LYS B 56 -2.67 1.08 20.31
N SER B 57 -2.97 0.29 21.34
CA SER B 57 -3.55 -1.02 21.13
C SER B 57 -4.95 -0.89 20.53
N PRO B 58 -5.40 -1.88 19.75
CA PRO B 58 -6.70 -1.73 19.09
C PRO B 58 -7.88 -1.66 20.06
N ASP B 59 -7.92 -2.54 21.05
CA ASP B 59 -9.04 -2.54 21.98
C ASP B 59 -9.11 -1.22 22.76
N SER B 60 -7.96 -0.66 23.11
CA SER B 60 -7.95 0.66 23.75
C SER B 60 -8.46 1.73 22.81
N LEU B 61 -8.09 1.66 21.53
CA LEU B 61 -8.57 2.63 20.56
C LEU B 61 -10.08 2.50 20.34
N LYS B 62 -10.59 1.26 20.34
CA LYS B 62 -12.01 1.05 20.11
C LYS B 62 -12.86 1.62 21.24
N ARG B 63 -12.31 1.68 22.45
CA ARG B 63 -13.07 2.25 23.58
C ARG B 63 -13.26 3.75 23.40
N LYS B 64 -12.25 4.45 22.88
CA LYS B 64 -12.36 5.89 22.69
C LYS B 64 -13.27 6.22 21.52
N VAL B 65 -13.22 5.42 20.45
CA VAL B 65 -14.08 5.67 19.29
C VAL B 65 -15.53 5.40 19.65
N ALA B 66 -15.80 4.28 20.33
CA ALA B 66 -17.17 3.96 20.73
C ALA B 66 -17.71 5.02 21.69
N THR B 67 -16.85 5.52 22.57
CA THR B 67 -17.26 6.61 23.47
C THR B 67 -17.57 7.88 22.68
N ALA B 68 -16.72 8.20 21.70
CA ALA B 68 -16.93 9.43 20.93
C ALA B 68 -18.21 9.37 20.12
N LEU B 69 -18.54 8.20 19.55
CA LEU B 69 -19.75 8.09 18.75
C LEU B 69 -21.00 8.32 19.59
N ALA B 70 -20.98 7.89 20.86
CA ALA B 70 -22.14 8.09 21.72
C ALA B 70 -22.33 9.56 22.05
N GLU B 71 -21.24 10.24 22.44
CA GLU B 71 -21.36 11.64 22.87
C GLU B 71 -21.60 12.57 21.70
N GLN B 72 -21.08 12.24 20.51
CA GLN B 72 -21.08 13.17 19.40
C GLN B 72 -22.12 12.77 18.35
N PRO B 73 -23.11 13.62 18.09
CA PRO B 73 -24.05 13.36 17.00
C PRO B 73 -23.52 13.86 15.66
N GLY B 74 -24.07 13.31 14.59
CA GLY B 74 -23.62 13.65 13.25
C GLY B 74 -22.16 13.34 13.02
N ARG B 75 -21.63 12.31 13.67
CA ARG B 75 -20.24 11.92 13.55
C ARG B 75 -20.17 10.43 13.26
N ASN B 76 -19.72 10.09 12.06
CA ASN B 76 -19.51 8.69 11.70
C ASN B 76 -18.16 8.21 12.24
N VAL B 77 -17.83 6.95 11.97
CA VAL B 77 -16.55 6.42 12.40
C VAL B 77 -15.41 7.08 11.64
N ASP B 78 -15.64 7.42 10.36
CA ASP B 78 -14.59 8.02 9.55
C ASP B 78 -14.15 9.36 10.13
N THR B 79 -15.10 10.22 10.46
CA THR B 79 -14.76 11.53 11.02
C THR B 79 -14.17 11.40 12.42
N VAL B 80 -14.63 10.43 13.21
CA VAL B 80 -14.08 10.22 14.54
C VAL B 80 -12.66 9.69 14.44
N LEU B 81 -12.41 8.74 13.53
CA LEU B 81 -11.06 8.23 13.35
C LEU B 81 -10.13 9.32 12.85
N ALA B 82 -10.63 10.22 12.01
CA ALA B 82 -9.81 11.31 11.50
C ALA B 82 -9.38 12.28 12.60
N GLY B 83 -10.13 12.32 13.71
CA GLY B 83 -9.78 13.19 14.81
C GLY B 83 -8.85 12.60 15.84
N ILE B 84 -8.53 11.31 15.73
CA ILE B 84 -7.63 10.67 16.68
C ILE B 84 -6.23 11.24 16.51
N THR B 85 -5.67 11.77 17.59
CA THR B 85 -4.37 12.43 17.53
C THR B 85 -3.23 11.59 18.09
N ALA B 86 -3.53 10.57 18.88
CA ALA B 86 -2.51 9.77 19.57
C ALA B 86 -2.58 8.30 19.18
N ALA B 87 -2.78 8.03 17.88
CA ALA B 87 -2.72 6.65 17.41
C ALA B 87 -1.31 6.09 17.55
N VAL B 88 -0.32 6.82 17.05
CA VAL B 88 1.09 6.53 17.25
C VAL B 88 1.68 7.67 18.07
N ARG B 89 2.50 7.34 19.05
CA ARG B 89 2.99 8.34 19.99
C ARG B 89 4.43 8.01 20.40
N TYR B 90 5.18 9.05 20.73
CA TYR B 90 6.57 8.91 21.14
C TYR B 90 6.83 9.80 22.34
N THR B 91 8.03 9.66 22.91
CA THR B 91 8.45 10.48 24.05
C THR B 91 9.96 10.65 23.99
N LEU B 92 10.41 11.89 23.96
CA LEU B 92 11.83 12.23 23.89
C LEU B 92 12.19 13.07 25.10
N GLN B 93 12.98 12.50 26.00
CA GLN B 93 13.41 13.22 27.20
C GLN B 93 14.86 13.68 27.05
N TRP B 94 15.19 14.74 27.77
CA TRP B 94 16.52 15.33 27.79
C TRP B 94 16.94 15.59 29.23
N ASP B 95 18.17 16.07 29.38
CA ASP B 95 18.54 16.77 30.59
C ASP B 95 17.93 18.17 30.58
N ASP B 96 17.96 18.83 31.74
CA ASP B 96 17.40 20.17 31.82
C ASP B 96 18.19 21.16 30.98
N ALA B 97 19.48 20.89 30.74
CA ALA B 97 20.32 21.76 29.94
C ALA B 97 20.22 21.51 28.45
N ALA B 98 19.71 20.34 28.05
CA ALA B 98 19.61 19.99 26.63
C ALA B 98 18.17 19.91 26.13
N TYR B 99 17.20 20.22 26.99
CA TYR B 99 15.80 20.09 26.58
C TYR B 99 15.41 21.16 25.57
N THR B 100 15.45 22.43 25.99
CA THR B 100 14.94 23.51 25.16
C THR B 100 15.62 23.56 23.81
N SER B 101 16.94 23.38 23.78
CA SER B 101 17.64 23.38 22.50
C SER B 101 17.29 22.15 21.68
N GLY B 102 17.06 21.02 22.33
CA GLY B 102 16.77 19.80 21.60
C GLY B 102 15.38 19.79 21.00
N VAL B 103 14.40 20.31 21.73
CA VAL B 103 13.03 20.37 21.23
C VAL B 103 12.98 21.17 19.93
N ALA B 104 13.70 22.29 19.88
CA ALA B 104 13.66 23.14 18.68
C ALA B 104 14.22 22.41 17.46
N THR B 105 15.23 21.56 17.65
CA THR B 105 15.78 20.83 16.51
C THR B 105 14.88 19.68 16.10
N VAL B 106 14.29 18.98 17.06
CA VAL B 106 13.36 17.90 16.74
C VAL B 106 12.20 18.43 15.93
N ALA B 107 11.69 19.61 16.28
CA ALA B 107 10.59 20.20 15.53
C ALA B 107 11.05 20.70 14.17
N ASP B 108 12.21 21.37 14.11
CA ASP B 108 12.68 21.91 12.85
C ASP B 108 13.04 20.83 11.85
N THR B 109 13.46 19.65 12.34
CA THR B 109 13.74 18.55 11.43
C THR B 109 12.45 17.89 10.96
N LEU B 110 11.49 17.71 11.87
CA LEU B 110 10.18 17.17 11.46
C LEU B 110 9.47 18.15 10.53
N ALA B 111 9.48 19.44 10.86
CA ALA B 111 8.86 20.42 9.98
C ALA B 111 9.61 20.53 8.66
N GLY B 112 10.94 20.45 8.70
CA GLY B 112 11.70 20.46 7.47
C GLY B 112 11.39 19.26 6.59
N TRP B 113 11.14 18.11 7.21
CA TRP B 113 10.68 16.92 6.52
C TRP B 113 9.18 16.97 6.24
N ARG B 114 8.56 18.14 6.42
CA ARG B 114 7.20 18.42 5.99
C ARG B 114 6.15 17.68 6.82
N ASN B 115 6.43 17.55 8.12
CA ASN B 115 5.40 17.19 9.10
C ASN B 115 4.68 18.45 9.53
N ASP B 116 3.38 18.49 9.31
CA ASP B 116 2.60 19.70 9.59
C ASP B 116 2.21 19.73 11.07
N SER B 117 2.49 20.85 11.72
CA SER B 117 2.14 21.02 13.12
C SER B 117 0.65 21.25 13.26
N VAL B 118 0.03 20.54 14.20
CA VAL B 118 -1.41 20.58 14.42
C VAL B 118 -1.74 21.18 15.78
N LYS B 119 -1.06 20.71 16.82
CA LYS B 119 -1.31 21.17 18.18
C LYS B 119 0.00 21.55 18.85
N TRP B 120 -0.11 22.29 19.94
CA TRP B 120 1.06 22.72 20.70
C TRP B 120 0.57 23.14 22.09
N SER B 121 0.86 22.33 23.10
CA SER B 121 0.36 22.52 24.45
C SER B 121 1.55 22.79 25.38
N ASN B 122 2.10 24.00 25.29
CA ASN B 122 3.20 24.40 26.16
C ASN B 122 2.63 24.91 27.48
N THR B 123 2.76 24.11 28.54
CA THR B 123 2.24 24.45 29.85
C THR B 123 3.35 24.62 30.88
N TRP B 124 4.56 24.95 30.42
CA TRP B 124 5.63 25.24 31.36
C TRP B 124 5.38 26.55 32.11
N GLY B 125 4.78 27.53 31.45
CA GLY B 125 4.48 28.81 32.07
C GLY B 125 3.35 28.80 33.07
N ARG B 126 2.66 27.68 33.24
CA ARG B 126 1.60 27.58 34.23
C ARG B 126 2.16 27.70 35.63
N ALA B 127 1.53 28.55 36.46
CA ALA B 127 1.96 28.69 37.84
C ALA B 127 1.74 27.40 38.62
N SER B 128 0.65 26.70 38.32
CA SER B 128 0.34 25.41 38.94
C SER B 128 -0.21 24.49 37.87
N GLY B 129 -0.27 23.20 38.20
CA GLY B 129 -0.72 22.19 37.26
C GLY B 129 0.45 21.49 36.58
N TYR B 130 0.10 20.51 35.76
CA TYR B 130 1.12 19.72 35.08
C TYR B 130 1.84 20.56 34.03
N LYS B 131 3.15 20.64 34.16
CA LYS B 131 3.99 21.40 33.25
C LYS B 131 4.69 20.47 32.27
N GLY B 132 4.71 20.87 31.00
CA GLY B 132 5.35 20.05 29.99
C GLY B 132 5.02 20.58 28.60
N LEU B 133 5.26 19.74 27.61
CA LEU B 133 4.97 20.09 26.23
C LEU B 133 4.49 18.85 25.49
N ASN B 134 3.38 18.99 24.76
CA ASN B 134 2.82 17.90 23.96
C ASN B 134 2.33 18.50 22.64
N THR B 135 2.84 17.96 21.54
CA THR B 135 2.56 18.49 20.21
C THR B 135 1.90 17.43 19.34
N GLY B 136 1.19 17.89 18.31
CA GLY B 136 0.54 17.00 17.37
C GLY B 136 0.97 17.29 15.95
N TRP B 137 1.29 16.24 15.19
CA TRP B 137 1.80 16.39 13.84
C TRP B 137 0.93 15.62 12.86
N ARG B 138 1.21 15.82 11.57
CA ARG B 138 0.57 15.11 10.49
C ARG B 138 1.63 14.66 9.50
N ALA B 139 1.65 13.37 9.18
CA ALA B 139 2.62 12.85 8.23
C ALA B 139 2.44 13.51 6.87
N PRO B 140 3.54 13.72 6.13
CA PRO B 140 3.41 14.44 4.83
C PRO B 140 2.58 13.69 3.81
N ARG B 141 2.85 12.41 3.58
CA ARG B 141 2.13 11.66 2.56
C ARG B 141 0.93 10.91 3.15
N SER B 142 1.18 10.08 4.15
CA SER B 142 0.12 9.24 4.72
C SER B 142 -0.89 10.04 5.53
N GLY B 143 -0.51 11.23 5.99
CA GLY B 143 -1.45 12.12 6.66
C GLY B 143 -1.86 11.61 8.03
N GLN B 144 -1.12 10.63 8.54
CA GLN B 144 -1.43 10.07 9.84
C GLN B 144 -1.10 11.09 10.93
N LEU B 145 -2.05 11.28 11.85
CA LEU B 145 -1.89 12.21 12.95
C LEU B 145 -1.27 11.49 14.15
N PHE B 146 -0.19 12.05 14.67
CA PHE B 146 0.51 11.47 15.81
C PHE B 146 0.94 12.58 16.76
N GLU B 147 1.44 12.18 17.92
CA GLU B 147 1.89 13.11 18.94
C GLU B 147 3.32 12.79 19.37
N VAL B 148 4.01 13.82 19.84
CA VAL B 148 5.35 13.70 20.41
C VAL B 148 5.35 14.39 21.77
N GLN B 149 5.72 13.65 22.81
CA GLN B 149 5.76 14.19 24.16
C GLN B 149 7.19 14.58 24.51
N PHE B 150 7.41 15.86 24.77
CA PHE B 150 8.73 16.40 25.09
C PHE B 150 8.83 16.56 26.60
N HIS B 151 9.61 15.69 27.23
CA HIS B 151 9.74 15.62 28.67
C HIS B 151 11.19 15.85 29.09
N THR B 152 11.40 15.91 30.40
CA THR B 152 12.71 15.88 31.02
C THR B 152 12.76 14.71 31.99
N GLU B 153 13.90 14.56 32.67
CA GLU B 153 13.99 13.52 33.70
C GLU B 153 13.04 13.79 34.85
N ALA B 154 12.73 15.06 35.11
CA ALA B 154 11.81 15.42 36.19
C ALA B 154 10.35 15.43 35.74
N SER B 155 10.09 15.91 34.52
CA SER B 155 8.71 16.02 34.06
C SER B 155 8.10 14.64 33.79
N LYS B 156 8.88 13.74 33.19
CA LYS B 156 8.38 12.39 32.96
C LYS B 156 8.17 11.65 34.27
N LYS B 157 9.14 11.76 35.19
CA LYS B 157 9.00 11.09 36.49
C LYS B 157 7.85 11.66 37.29
N ALA B 158 7.54 12.94 37.11
CA ALA B 158 6.38 13.53 37.78
C ALA B 158 5.09 13.04 37.15
N GLN B 159 5.07 12.87 35.82
CA GLN B 159 3.89 12.34 35.16
C GLN B 159 3.59 10.92 35.63
N GLU B 160 4.64 10.11 35.82
CA GLU B 160 4.43 8.74 36.27
C GLU B 160 3.93 8.70 37.71
N THR B 161 4.51 9.53 38.59
CA THR B 161 4.09 9.55 39.99
C THR B 161 2.71 10.16 40.17
N THR B 162 2.26 11.01 39.25
CA THR B 162 0.96 11.64 39.34
C THR B 162 -0.10 10.92 38.52
N HIS B 163 0.22 9.77 37.94
CA HIS B 163 -0.77 9.03 37.17
C HIS B 163 -1.68 8.22 38.08
N LYS B 164 -1.18 7.73 39.21
CA LYS B 164 -2.05 7.08 40.19
C LYS B 164 -3.01 8.09 40.82
N LEU B 165 -2.61 9.36 40.91
CA LEU B 165 -3.51 10.39 41.39
C LEU B 165 -4.54 10.75 40.33
N TYR B 166 -4.22 10.55 39.05
CA TYR B 166 -5.19 10.80 37.99
C TYR B 166 -6.43 9.92 38.14
N GLU B 167 -6.27 8.72 38.69
CA GLU B 167 -7.40 7.80 38.81
C GLU B 167 -8.36 8.23 39.91
N GLU B 168 -7.85 8.41 41.12
CA GLU B 168 -8.71 8.78 42.24
C GLU B 168 -9.25 10.19 42.14
N GLN B 169 -8.63 11.05 41.32
CA GLN B 169 -9.14 12.39 41.09
C GLN B 169 -10.20 12.43 40.00
N ARG B 170 -10.22 11.46 39.10
CA ARG B 170 -11.23 11.38 38.05
C ARG B 170 -12.40 10.50 38.43
N LEU B 171 -12.19 9.55 39.36
CA LEU B 171 -13.26 8.67 39.79
C LEU B 171 -14.11 9.36 40.86
N PRO B 172 -15.42 9.48 40.68
CA PRO B 172 -16.29 10.03 41.74
C PRO B 172 -16.61 8.99 42.81
N SER B 173 -15.56 8.49 43.46
CA SER B 173 -15.69 7.43 44.46
C SER B 173 -15.57 7.95 45.88
N THR B 174 -14.49 8.68 46.18
CA THR B 174 -14.29 9.27 47.50
C THR B 174 -15.03 10.59 47.68
N GLY B 175 -15.86 10.98 46.72
CA GLY B 175 -16.55 12.24 46.77
C GLY B 175 -15.67 13.38 46.32
N PRO B 176 -16.28 14.42 45.75
CA PRO B 176 -15.50 15.58 45.28
C PRO B 176 -14.78 16.32 46.39
N GLU B 177 -15.13 16.07 47.65
CA GLU B 177 -14.40 16.66 48.76
C GLU B 177 -12.95 16.22 48.77
N ARG B 178 -12.71 14.92 48.56
CA ARG B 178 -11.38 14.34 48.60
C ARG B 178 -10.63 14.48 47.29
N LYS B 179 -10.97 15.48 46.47
CA LYS B 179 -10.37 15.61 45.14
C LYS B 179 -9.40 16.77 45.03
N GLN B 180 -9.81 17.98 45.42
CA GLN B 180 -8.86 19.09 45.42
C GLN B 180 -7.76 18.87 46.45
N GLN B 181 -8.09 18.23 47.58
CA GLN B 181 -7.06 17.78 48.49
C GLN B 181 -6.07 16.87 47.79
N LEU B 182 -6.57 16.00 46.90
CA LEU B 182 -5.69 15.15 46.10
C LEU B 182 -5.00 15.97 45.01
N GLN B 183 -5.71 16.94 44.42
CA GLN B 183 -5.14 17.73 43.34
C GLN B 183 -3.97 18.57 43.82
N ARG B 184 -3.97 18.95 45.10
CA ARG B 184 -2.81 19.66 45.64
C ARG B 184 -1.60 18.76 45.72
N GLU B 185 -1.80 17.45 45.88
CA GLU B 185 -0.67 16.53 45.84
C GLU B 185 -0.02 16.50 44.46
N GLN B 186 -0.80 16.81 43.42
CA GLN B 186 -0.23 16.91 42.08
C GLN B 186 0.63 18.16 41.96
N ASP B 187 0.09 19.32 42.33
CA ASP B 187 0.84 20.56 42.25
C ASP B 187 2.04 20.58 43.18
N ALA B 188 2.05 19.71 44.20
CA ALA B 188 3.18 19.66 45.13
C ALA B 188 4.46 19.22 44.41
N ILE B 189 4.37 18.17 43.61
CA ILE B 189 5.53 17.70 42.86
C ILE B 189 5.63 18.38 41.49
N PHE B 190 4.54 18.99 41.00
CA PHE B 190 4.63 19.77 39.77
C PHE B 190 5.48 21.01 39.96
N ALA B 191 5.38 21.66 41.12
CA ALA B 191 6.24 22.80 41.42
C ALA B 191 7.69 22.37 41.58
N ALA B 192 7.92 21.13 42.02
CA ALA B 192 9.28 20.61 42.14
C ALA B 192 9.93 20.35 40.79
N VAL B 193 9.15 20.35 39.72
CA VAL B 193 9.69 20.16 38.37
C VAL B 193 10.32 21.47 37.92
N PRO B 194 11.63 21.48 37.63
CA PRO B 194 12.29 22.72 37.19
C PRO B 194 11.99 23.00 35.73
N VAL B 195 11.52 24.21 35.45
CA VAL B 195 11.25 24.63 34.08
C VAL B 195 12.58 24.91 33.39
N PRO B 196 12.89 24.24 32.28
CA PRO B 196 14.13 24.54 31.56
C PRO B 196 14.14 25.97 31.02
N ALA B 197 15.34 26.42 30.66
CA ALA B 197 15.56 27.79 30.20
C ALA B 197 15.00 27.96 28.80
N GLY B 198 13.85 28.63 28.70
CA GLY B 198 13.19 28.82 27.44
C GLY B 198 12.16 27.77 27.07
N ALA B 199 11.86 26.83 27.97
CA ALA B 199 10.87 25.80 27.67
C ALA B 199 9.48 26.42 27.50
N ASP B 200 9.12 27.36 28.38
CA ASP B 200 7.83 28.03 28.25
C ASP B 200 7.76 28.95 27.04
N SER B 201 8.88 29.22 26.38
CA SER B 201 8.94 30.09 25.22
C SER B 201 8.94 29.31 23.91
N LEU B 202 8.77 28.00 23.98
CA LEU B 202 8.78 27.16 22.78
C LEU B 202 7.45 27.24 22.04
N THR B 203 7.52 27.56 20.75
CA THR B 203 6.35 27.67 19.90
C THR B 203 6.46 26.70 18.72
N ALA B 204 5.33 26.45 18.08
CA ALA B 204 5.34 25.60 16.90
C ALA B 204 6.12 26.29 15.77
N PRO B 205 6.96 25.54 15.04
CA PRO B 205 7.75 26.16 13.97
C PRO B 205 6.88 26.48 12.77
N VAL B 206 6.98 27.72 12.30
CA VAL B 206 6.24 28.14 11.11
C VAL B 206 7.04 27.75 9.87
N PRO B 207 6.44 27.04 8.90
CA PRO B 207 7.14 26.62 7.68
C PRO B 207 7.03 27.64 6.56
N GLY C 2 -0.91 26.62 0.70
CA GLY C 2 -2.10 27.43 0.67
C GLY C 2 -2.79 27.43 -0.68
N TRP C 3 -4.10 27.23 -0.67
CA TRP C 3 -4.91 27.17 -1.87
C TRP C 3 -5.87 28.35 -1.94
N LYS C 4 -6.10 28.84 -3.15
CA LYS C 4 -6.97 30.00 -3.38
C LYS C 4 -7.88 29.68 -4.55
N GLY C 5 -9.17 29.48 -4.27
CA GLY C 5 -10.11 29.21 -5.34
C GLY C 5 -10.45 30.45 -6.14
N GLU C 6 -10.72 30.25 -7.42
CA GLU C 6 -11.07 31.36 -8.31
C GLU C 6 -12.37 32.03 -7.89
N GLY C 7 -13.20 31.36 -7.09
CA GLY C 7 -14.44 31.92 -6.60
C GLY C 7 -14.36 32.55 -5.23
N GLY C 8 -13.21 32.52 -4.58
CA GLY C 8 -13.02 33.11 -3.27
C GLY C 8 -12.70 32.13 -2.17
N LEU C 9 -12.84 30.82 -2.41
CA LEU C 9 -12.56 29.83 -1.39
C LEU C 9 -11.06 29.75 -1.13
N THR C 10 -10.69 29.64 0.15
CA THR C 10 -9.30 29.64 0.56
C THR C 10 -9.05 28.47 1.52
N LEU C 11 -7.83 27.93 1.44
CA LEU C 11 -7.37 26.88 2.34
C LEU C 11 -5.99 27.24 2.86
N THR C 12 -5.75 26.97 4.13
CA THR C 12 -4.44 27.22 4.70
C THR C 12 -3.42 26.26 4.12
N GLY C 13 -2.15 26.53 4.40
CA GLY C 13 -1.09 25.69 3.88
C GLY C 13 -1.17 24.26 4.37
N GLY C 14 -1.39 24.09 5.67
CA GLY C 14 -1.49 22.74 6.22
C GLY C 14 -2.72 21.99 5.74
N GLU C 15 -3.82 22.71 5.52
CA GLU C 15 -5.02 22.06 5.00
C GLU C 15 -4.87 21.71 3.52
N ASN C 16 -4.22 22.60 2.74
CA ASN C 16 -4.02 22.33 1.33
C ASN C 16 -3.11 21.12 1.12
N ASN C 17 -2.16 20.90 2.02
CA ASN C 17 -1.29 19.72 1.89
C ASN C 17 -2.04 18.44 2.21
N THR C 18 -2.94 18.49 3.20
CA THR C 18 -3.71 17.30 3.57
C THR C 18 -4.57 16.82 2.41
N VAL C 19 -5.10 17.76 1.62
CA VAL C 19 -5.91 17.39 0.46
C VAL C 19 -5.05 16.72 -0.59
N ASP C 20 -3.88 17.28 -0.88
CA ASP C 20 -2.99 16.68 -1.88
C ASP C 20 -2.50 15.32 -1.43
N ALA C 21 -2.18 15.18 -0.14
CA ALA C 21 -1.84 13.87 0.42
C ALA C 21 -3.03 12.92 0.39
N TYR C 22 -4.25 13.45 0.26
CA TYR C 22 -5.45 12.65 0.12
C TYR C 22 -5.74 12.26 -1.31
N VAL C 23 -5.41 13.14 -2.27
CA VAL C 23 -5.66 12.85 -3.67
C VAL C 23 -4.79 11.68 -4.14
N GLU C 24 -3.49 11.73 -3.82
CA GLU C 24 -2.59 10.66 -4.28
C GLU C 24 -2.90 9.35 -3.56
N ARG C 25 -3.29 9.42 -2.29
CA ARG C 25 -3.61 8.21 -1.55
C ARG C 25 -4.87 7.54 -2.10
N ALA C 26 -5.82 8.33 -2.61
CA ALA C 26 -7.00 7.74 -3.23
C ALA C 26 -6.66 7.04 -4.54
N ARG C 27 -5.60 7.49 -5.21
CA ARG C 27 -5.18 6.84 -6.45
C ARG C 27 -4.77 5.39 -6.21
N GLU C 28 -4.15 5.12 -5.05
CA GLU C 28 -3.72 3.75 -4.76
C GLU C 28 -4.92 2.87 -4.41
N ALA C 29 -5.90 3.43 -3.69
CA ALA C 29 -7.10 2.66 -3.36
C ALA C 29 -8.00 2.50 -4.58
N GLU C 30 -7.97 3.46 -5.51
CA GLU C 30 -8.76 3.34 -6.72
C GLU C 30 -8.39 2.09 -7.51
N ARG C 31 -7.10 1.73 -7.51
CA ARG C 31 -6.64 0.55 -8.24
C ARG C 31 -7.40 -0.70 -7.79
N SER C 32 -7.29 -1.03 -6.50
CA SER C 32 -7.94 -2.25 -6.00
C SER C 32 -9.44 -2.19 -6.19
N ILE C 33 -10.04 -1.02 -5.94
CA ILE C 33 -11.49 -0.90 -6.05
C ILE C 33 -11.93 -1.04 -7.51
N SER C 34 -11.31 -0.27 -8.41
CA SER C 34 -11.66 -0.40 -9.83
C SER C 34 -11.43 -1.81 -10.33
N VAL C 35 -10.45 -2.53 -9.75
CA VAL C 35 -10.31 -3.94 -10.06
C VAL C 35 -11.56 -4.70 -9.63
N GLN C 36 -11.99 -4.49 -8.38
CA GLN C 36 -13.19 -5.16 -7.90
C GLN C 36 -14.44 -4.65 -8.59
N VAL C 37 -14.46 -3.38 -9.01
CA VAL C 37 -15.61 -2.86 -9.72
C VAL C 37 -15.68 -3.44 -11.13
N ARG C 38 -14.55 -3.45 -11.85
CA ARG C 38 -14.53 -4.04 -13.18
C ARG C 38 -14.89 -5.51 -13.14
N ALA C 39 -14.50 -6.22 -12.07
CA ALA C 39 -14.85 -7.63 -11.94
C ALA C 39 -16.36 -7.81 -11.84
N ALA C 40 -16.98 -7.21 -10.82
CA ALA C 40 -18.41 -7.36 -10.63
C ALA C 40 -19.21 -6.80 -11.80
N ALA C 41 -18.67 -5.80 -12.49
CA ALA C 41 -19.32 -5.30 -13.70
C ALA C 41 -19.37 -6.37 -14.78
N ALA C 42 -18.21 -6.96 -15.08
CA ALA C 42 -18.17 -8.04 -16.06
C ALA C 42 -18.93 -9.28 -15.57
N MET C 43 -18.98 -9.48 -14.25
CA MET C 43 -19.71 -10.62 -13.72
C MET C 43 -21.21 -10.53 -13.96
N SER C 44 -21.74 -9.34 -14.22
CA SER C 44 -23.17 -9.14 -14.37
C SER C 44 -23.49 -8.35 -15.63
N GLU C 45 -22.60 -8.42 -16.63
CA GLU C 45 -22.87 -7.84 -17.95
C GLU C 45 -23.12 -6.34 -17.86
N ALA C 46 -22.32 -5.65 -17.06
CA ALA C 46 -22.48 -4.21 -16.88
C ALA C 46 -21.57 -3.44 -17.82
N GLU C 47 -21.99 -2.23 -18.17
CA GLU C 47 -21.23 -1.34 -19.03
C GLU C 47 -20.51 -0.30 -18.19
N MET C 48 -19.28 0.02 -18.59
CA MET C 48 -18.45 1.01 -17.88
C MET C 48 -18.74 2.38 -18.45
N VAL C 49 -19.44 3.21 -17.68
CA VAL C 49 -19.75 4.59 -18.04
C VAL C 49 -19.10 5.52 -17.04
N GLY C 50 -18.54 6.61 -17.53
CA GLY C 50 -17.88 7.56 -16.65
C GLY C 50 -16.63 7.03 -16.02
N PHE C 51 -15.88 6.18 -16.72
CA PHE C 51 -14.65 5.64 -16.16
C PHE C 51 -13.47 6.60 -16.33
N ASP C 52 -13.54 7.50 -17.31
CA ASP C 52 -12.48 8.50 -17.47
C ASP C 52 -12.37 9.39 -16.24
N GLN C 53 -13.51 9.75 -15.65
CA GLN C 53 -13.57 10.61 -14.48
C GLN C 53 -14.00 9.82 -13.24
N ARG C 54 -13.44 8.63 -13.06
CA ARG C 54 -13.74 7.84 -11.89
C ARG C 54 -13.18 8.46 -10.62
N LEU C 55 -12.20 9.34 -10.74
CA LEU C 55 -11.58 10.03 -9.61
C LEU C 55 -11.94 11.50 -9.66
N LYS C 56 -12.36 12.05 -8.52
CA LYS C 56 -12.71 13.46 -8.46
C LYS C 56 -11.45 14.31 -8.61
N SER C 57 -11.58 15.41 -9.36
CA SER C 57 -10.42 16.26 -9.64
C SER C 57 -9.97 16.96 -8.36
N PRO C 58 -8.66 17.18 -8.18
CA PRO C 58 -8.19 17.85 -6.95
C PRO C 58 -8.75 19.25 -6.80
N ASP C 59 -8.97 19.97 -7.89
CA ASP C 59 -9.52 21.32 -7.79
C ASP C 59 -10.94 21.29 -7.25
N SER C 60 -11.78 20.40 -7.79
CA SER C 60 -13.16 20.32 -7.33
C SER C 60 -13.24 19.86 -5.88
N LEU C 61 -12.32 19.01 -5.44
CA LEU C 61 -12.34 18.57 -4.05
C LEU C 61 -11.96 19.72 -3.11
N LYS C 62 -10.96 20.50 -3.47
CA LYS C 62 -10.59 21.66 -2.66
C LYS C 62 -11.74 22.66 -2.57
N ARG C 63 -12.58 22.74 -3.61
CA ARG C 63 -13.74 23.62 -3.56
C ARG C 63 -14.69 23.19 -2.45
N LYS C 64 -15.03 21.90 -2.40
CA LYS C 64 -16.00 21.41 -1.42
C LYS C 64 -15.42 21.37 -0.01
N VAL C 65 -14.15 20.97 0.12
CA VAL C 65 -13.55 20.86 1.44
C VAL C 65 -13.51 22.23 2.12
N ALA C 66 -13.14 23.26 1.37
CA ALA C 66 -13.12 24.61 1.94
C ALA C 66 -14.52 25.08 2.31
N THR C 67 -15.53 24.68 1.52
CA THR C 67 -16.90 25.06 1.81
C THR C 67 -17.40 24.43 3.11
N ALA C 68 -17.11 23.15 3.31
CA ALA C 68 -17.50 22.48 4.56
C ALA C 68 -16.79 23.10 5.76
N LEU C 69 -15.51 23.46 5.59
CA LEU C 69 -14.80 24.15 6.66
C LEU C 69 -15.43 25.51 6.93
N ALA C 70 -15.89 26.19 5.88
CA ALA C 70 -16.57 27.48 6.05
C ALA C 70 -17.93 27.30 6.71
N GLU C 71 -18.71 26.34 6.21
CA GLU C 71 -20.03 26.09 6.78
C GLU C 71 -19.96 25.44 8.15
N GLN C 72 -18.83 24.82 8.50
CA GLN C 72 -18.65 24.19 9.80
C GLN C 72 -17.25 24.47 10.33
N PRO C 73 -17.04 25.65 10.90
CA PRO C 73 -15.80 25.90 11.62
C PRO C 73 -15.72 25.04 12.87
N GLY C 74 -14.51 24.90 13.40
CA GLY C 74 -14.29 24.03 14.54
C GLY C 74 -14.05 22.60 14.08
N ARG C 75 -14.72 22.20 13.01
CA ARG C 75 -14.45 20.93 12.36
C ARG C 75 -13.22 21.07 11.48
N ASN C 76 -12.34 20.09 11.56
CA ASN C 76 -11.03 20.16 10.94
C ASN C 76 -11.06 19.62 9.50
N VAL C 77 -9.96 19.82 8.79
CA VAL C 77 -9.86 19.37 7.41
C VAL C 77 -9.91 17.85 7.33
N ASP C 78 -9.36 17.17 8.33
CA ASP C 78 -9.35 15.70 8.31
C ASP C 78 -10.75 15.13 8.42
N THR C 79 -11.59 15.70 9.30
CA THR C 79 -12.96 15.24 9.40
C THR C 79 -13.76 15.57 8.15
N VAL C 80 -13.44 16.69 7.50
CA VAL C 80 -14.11 17.04 6.23
C VAL C 80 -13.75 16.01 5.16
N LEU C 81 -12.46 15.67 5.06
CA LEU C 81 -12.04 14.65 4.11
C LEU C 81 -12.62 13.29 4.49
N ALA C 82 -12.71 13.00 5.79
CA ALA C 82 -13.27 11.73 6.23
C ALA C 82 -14.75 11.60 5.88
N GLY C 83 -15.45 12.72 5.76
CA GLY C 83 -16.84 12.70 5.37
C GLY C 83 -17.09 12.70 3.89
N ILE C 84 -16.07 12.97 3.08
CA ILE C 84 -16.22 12.97 1.63
C ILE C 84 -16.56 11.56 1.17
N THR C 85 -17.70 11.42 0.49
CA THR C 85 -18.19 10.11 0.10
C THR C 85 -17.90 9.76 -1.36
N ALA C 86 -17.66 10.75 -2.22
CA ALA C 86 -17.52 10.48 -3.65
C ALA C 86 -16.20 10.98 -4.20
N ALA C 87 -15.09 10.73 -3.50
CA ALA C 87 -13.79 11.05 -4.04
C ALA C 87 -13.45 10.16 -5.23
N VAL C 88 -13.85 8.90 -5.15
CA VAL C 88 -13.75 7.95 -6.26
C VAL C 88 -15.15 7.42 -6.53
N ARG C 89 -15.59 7.52 -7.78
CA ARG C 89 -16.98 7.25 -8.14
C ARG C 89 -17.03 6.39 -9.39
N TYR C 90 -18.05 5.53 -9.44
CA TYR C 90 -18.27 4.64 -10.57
C TYR C 90 -19.71 4.72 -11.02
N THR C 91 -19.94 4.32 -12.27
CA THR C 91 -21.28 4.31 -12.85
C THR C 91 -21.44 3.06 -13.71
N LEU C 92 -22.39 2.21 -13.34
CA LEU C 92 -22.67 0.98 -14.07
C LEU C 92 -24.00 1.11 -14.80
N GLN C 93 -24.14 0.33 -15.87
CA GLN C 93 -25.29 0.41 -16.75
C GLN C 93 -25.73 -0.98 -17.18
N TRP C 94 -27.03 -1.10 -17.45
CA TRP C 94 -27.62 -2.35 -17.91
C TRP C 94 -28.85 -2.05 -18.75
N ASP C 95 -29.38 -3.10 -19.38
N ASP C 95 -29.40 -3.10 -19.35
CA ASP C 95 -30.73 -3.05 -19.94
CA ASP C 95 -30.73 -2.98 -19.91
C ASP C 95 -31.76 -3.12 -18.81
C ASP C 95 -31.77 -3.10 -18.80
N ASP C 96 -33.01 -2.79 -19.14
CA ASP C 96 -34.07 -2.85 -18.14
C ASP C 96 -34.34 -4.27 -17.66
N ALA C 97 -33.99 -5.28 -18.46
CA ALA C 97 -34.21 -6.66 -18.05
C ALA C 97 -33.11 -7.15 -17.12
N ALA C 98 -31.86 -6.78 -17.38
CA ALA C 98 -30.73 -7.23 -16.59
C ALA C 98 -30.33 -6.25 -15.50
N TYR C 99 -31.04 -5.13 -15.37
CA TYR C 99 -30.68 -4.13 -14.35
C TYR C 99 -30.87 -4.70 -12.95
N THR C 100 -32.10 -5.13 -12.62
CA THR C 100 -32.40 -5.58 -11.27
C THR C 100 -31.51 -6.75 -10.86
N SER C 101 -31.27 -7.68 -11.78
CA SER C 101 -30.40 -8.81 -11.44
C SER C 101 -28.94 -8.39 -11.36
N GLY C 102 -28.52 -7.45 -12.22
CA GLY C 102 -27.14 -7.02 -12.21
C GLY C 102 -26.79 -6.21 -10.97
N VAL C 103 -27.71 -5.35 -10.54
CA VAL C 103 -27.48 -4.55 -9.33
C VAL C 103 -27.29 -5.46 -8.12
N ALA C 104 -28.16 -6.46 -7.98
CA ALA C 104 -28.06 -7.37 -6.84
C ALA C 104 -26.76 -8.15 -6.88
N THR C 105 -26.33 -8.57 -8.07
CA THR C 105 -25.09 -9.31 -8.19
C THR C 105 -23.90 -8.48 -7.75
N VAL C 106 -23.82 -7.24 -8.24
CA VAL C 106 -22.72 -6.35 -7.88
C VAL C 106 -22.69 -6.13 -6.38
N ALA C 107 -23.83 -5.77 -5.79
CA ALA C 107 -23.88 -5.48 -4.36
C ALA C 107 -23.55 -6.73 -3.54
N ASP C 108 -24.00 -7.90 -3.99
CA ASP C 108 -23.71 -9.12 -3.24
C ASP C 108 -22.24 -9.49 -3.31
N THR C 109 -21.58 -9.21 -4.44
CA THR C 109 -20.16 -9.50 -4.54
C THR C 109 -19.32 -8.48 -3.79
N LEU C 110 -19.69 -7.20 -3.88
CA LEU C 110 -18.99 -6.17 -3.11
C LEU C 110 -19.17 -6.39 -1.61
N ALA C 111 -20.35 -6.83 -1.20
CA ALA C 111 -20.55 -7.19 0.21
C ALA C 111 -19.70 -8.41 0.57
N GLY C 112 -19.62 -9.39 -0.33
CA GLY C 112 -18.76 -10.53 -0.08
C GLY C 112 -17.29 -10.18 -0.08
N TRP C 113 -16.92 -9.11 -0.79
CA TRP C 113 -15.56 -8.62 -0.82
C TRP C 113 -15.29 -7.57 0.26
N ARG C 114 -16.11 -7.57 1.31
CA ARG C 114 -15.88 -6.75 2.51
C ARG C 114 -15.91 -5.26 2.20
N ASN C 115 -16.79 -4.84 1.29
CA ASN C 115 -17.02 -3.44 1.02
C ASN C 115 -18.30 -3.03 1.74
N ASP C 116 -18.14 -2.43 2.93
CA ASP C 116 -19.28 -2.07 3.75
C ASP C 116 -20.10 -0.98 3.07
N SER C 117 -21.41 -1.22 2.96
CA SER C 117 -22.31 -0.25 2.36
C SER C 117 -22.60 0.87 3.36
N VAL C 118 -22.55 2.11 2.88
CA VAL C 118 -22.73 3.29 3.71
C VAL C 118 -24.00 4.05 3.33
N LYS C 119 -24.21 4.27 2.04
CA LYS C 119 -25.37 4.97 1.53
C LYS C 119 -26.15 4.06 0.59
N TRP C 120 -27.44 4.38 0.41
CA TRP C 120 -28.30 3.62 -0.51
C TRP C 120 -29.49 4.52 -0.82
N SER C 121 -29.34 5.33 -1.86
CA SER C 121 -30.35 6.33 -2.24
C SER C 121 -31.16 5.78 -3.41
N ASN C 122 -32.19 4.99 -3.08
CA ASN C 122 -33.06 4.40 -4.09
C ASN C 122 -34.22 5.36 -4.36
N THR C 123 -34.27 5.90 -5.58
CA THR C 123 -35.27 6.88 -5.97
C THR C 123 -36.22 6.33 -7.03
N TRP C 124 -36.28 5.02 -7.21
CA TRP C 124 -37.20 4.46 -8.18
C TRP C 124 -38.65 4.57 -7.73
N GLY C 125 -38.88 4.66 -6.42
CA GLY C 125 -40.22 4.80 -5.89
C GLY C 125 -40.64 6.26 -5.75
N ARG C 126 -40.55 7.00 -6.84
CA ARG C 126 -40.95 8.41 -6.87
C ARG C 126 -41.89 8.63 -8.04
N ALA C 127 -43.03 9.27 -7.77
CA ALA C 127 -44.03 9.47 -8.82
C ALA C 127 -43.55 10.43 -9.88
N SER C 128 -42.91 11.52 -9.48
CA SER C 128 -42.44 12.53 -10.42
C SER C 128 -41.15 13.17 -9.88
N GLY C 129 -40.11 12.35 -9.72
CA GLY C 129 -38.80 12.83 -9.36
C GLY C 129 -37.74 12.09 -10.15
N TYR C 130 -36.50 12.52 -9.97
CA TYR C 130 -35.39 11.84 -10.65
C TYR C 130 -35.25 10.44 -10.07
N LYS C 131 -35.34 9.44 -10.95
CA LYS C 131 -35.37 8.05 -10.53
C LYS C 131 -34.01 7.39 -10.76
N GLY C 132 -33.56 6.63 -9.76
CA GLY C 132 -32.28 5.97 -9.85
C GLY C 132 -31.89 5.39 -8.52
N LEU C 133 -30.64 4.94 -8.45
CA LEU C 133 -30.08 4.36 -7.23
C LEU C 133 -28.63 4.79 -7.10
N ASN C 134 -28.33 5.52 -6.02
CA ASN C 134 -26.97 5.95 -5.71
C ASN C 134 -26.54 5.29 -4.41
N THR C 135 -25.46 4.53 -4.47
CA THR C 135 -24.98 3.75 -3.33
C THR C 135 -23.57 4.21 -2.94
N GLY C 136 -23.27 4.07 -1.67
CA GLY C 136 -21.95 4.41 -1.16
C GLY C 136 -21.36 3.27 -0.35
N TRP C 137 -20.04 3.12 -0.46
CA TRP C 137 -19.35 2.00 0.15
C TRP C 137 -18.05 2.48 0.77
N ARG C 138 -17.42 1.61 1.55
CA ARG C 138 -16.11 1.85 2.14
C ARG C 138 -15.20 0.68 1.83
N ALA C 139 -14.01 0.99 1.30
CA ALA C 139 -13.08 -0.06 0.91
C ALA C 139 -12.68 -0.89 2.12
N PRO C 140 -12.42 -2.18 1.92
CA PRO C 140 -12.11 -3.04 3.08
C PRO C 140 -10.83 -2.67 3.80
N ARG C 141 -9.71 -2.54 3.08
CA ARG C 141 -8.43 -2.32 3.74
C ARG C 141 -8.09 -0.84 3.83
N SER C 142 -8.22 -0.11 2.72
CA SER C 142 -7.90 1.31 2.69
C SER C 142 -8.96 2.17 3.36
N GLY C 143 -10.17 1.66 3.57
CA GLY C 143 -11.20 2.42 4.24
C GLY C 143 -11.68 3.58 3.39
N GLN C 144 -11.26 3.59 2.13
CA GLN C 144 -11.61 4.68 1.23
C GLN C 144 -13.09 4.61 0.88
N LEU C 145 -13.76 5.75 1.01
CA LEU C 145 -15.18 5.86 0.70
C LEU C 145 -15.37 6.05 -0.80
N PHE C 146 -16.21 5.21 -1.41
CA PHE C 146 -16.47 5.29 -2.83
C PHE C 146 -17.95 5.04 -3.09
N GLU C 147 -18.45 5.66 -4.14
CA GLU C 147 -19.85 5.54 -4.53
C GLU C 147 -19.97 4.83 -5.86
N VAL C 148 -20.93 3.91 -5.95
CA VAL C 148 -21.23 3.21 -7.19
C VAL C 148 -22.60 3.67 -7.67
N GLN C 149 -22.64 4.24 -8.86
CA GLN C 149 -23.87 4.76 -9.44
C GLN C 149 -24.50 3.69 -10.33
N PHE C 150 -25.79 3.44 -10.12
CA PHE C 150 -26.53 2.44 -10.88
C PHE C 150 -27.51 3.12 -11.80
N HIS C 151 -27.53 2.70 -13.07
CA HIS C 151 -28.40 3.31 -14.06
C HIS C 151 -28.79 2.29 -15.12
N THR C 152 -29.92 2.56 -15.77
CA THR C 152 -30.17 2.01 -17.10
C THR C 152 -29.70 3.04 -18.12
N GLU C 153 -29.58 2.60 -19.38
CA GLU C 153 -29.20 3.54 -20.43
C GLU C 153 -30.20 4.69 -20.51
N ALA C 154 -31.49 4.39 -20.32
CA ALA C 154 -32.48 5.46 -20.27
C ALA C 154 -32.31 6.30 -19.02
N SER C 155 -31.92 5.68 -17.90
CA SER C 155 -31.78 6.41 -16.64
C SER C 155 -30.57 7.35 -16.69
N LYS C 156 -29.45 6.88 -17.25
CA LYS C 156 -28.30 7.76 -17.40
C LYS C 156 -28.54 8.79 -18.50
N LYS C 157 -29.35 8.45 -19.50
CA LYS C 157 -29.77 9.44 -20.49
C LYS C 157 -30.68 10.50 -19.88
N ALA C 158 -31.29 10.22 -18.74
CA ALA C 158 -32.10 11.22 -18.06
C ALA C 158 -31.22 12.29 -17.41
N GLN C 159 -30.05 11.91 -16.89
CA GLN C 159 -29.17 12.89 -16.29
C GLN C 159 -28.49 13.76 -17.34
N GLU C 160 -28.04 13.15 -18.44
CA GLU C 160 -27.27 13.88 -19.43
C GLU C 160 -28.08 15.00 -20.08
N THR C 161 -29.36 14.74 -20.35
CA THR C 161 -30.20 15.73 -21.00
C THR C 161 -30.83 16.72 -20.04
N THR C 162 -31.11 16.31 -18.81
CA THR C 162 -31.68 17.20 -17.80
C THR C 162 -30.61 17.98 -17.04
N HIS C 163 -29.35 17.89 -17.44
CA HIS C 163 -28.31 18.73 -16.85
C HIS C 163 -28.15 20.03 -17.61
N LYS C 164 -28.45 20.05 -18.91
CA LYS C 164 -28.49 21.30 -19.65
C LYS C 164 -29.72 22.13 -19.28
N LEU C 165 -30.72 21.51 -18.66
CA LEU C 165 -31.80 22.23 -18.03
C LEU C 165 -31.58 22.44 -16.53
N TYR C 166 -30.68 21.67 -15.93
CA TYR C 166 -30.30 21.91 -14.55
C TYR C 166 -29.50 23.20 -14.40
N GLU C 167 -28.82 23.62 -15.47
CA GLU C 167 -27.99 24.81 -15.42
C GLU C 167 -28.80 26.09 -15.50
N GLU C 168 -29.92 26.08 -16.21
CA GLU C 168 -30.75 27.28 -16.33
C GLU C 168 -31.53 27.59 -15.06
N GLN C 169 -31.47 26.73 -14.05
CA GLN C 169 -32.18 26.96 -12.80
C GLN C 169 -31.28 27.02 -11.57
N ARG C 170 -30.15 26.30 -11.58
CA ARG C 170 -29.25 26.33 -10.43
C ARG C 170 -28.47 27.63 -10.33
N LEU C 171 -28.37 28.38 -11.42
CA LEU C 171 -27.59 29.61 -11.48
C LEU C 171 -28.31 30.63 -12.35
N PRO C 172 -27.88 31.89 -12.38
CA PRO C 172 -28.65 32.91 -13.14
C PRO C 172 -28.72 32.61 -14.63
N SER C 173 -29.72 33.23 -15.27
CA SER C 173 -29.97 33.07 -16.70
C SER C 173 -30.07 31.60 -17.10
N PRO C 176 -35.02 32.49 -14.58
CA PRO C 176 -35.88 32.87 -13.46
C PRO C 176 -37.16 32.05 -13.40
N GLU C 177 -38.20 32.59 -12.74
CA GLU C 177 -39.47 31.89 -12.65
C GLU C 177 -40.09 31.65 -14.01
N ARG C 178 -39.70 32.45 -15.02
CA ARG C 178 -40.08 32.16 -16.40
C ARG C 178 -39.70 30.73 -16.78
N LYS C 179 -38.61 30.21 -16.20
CA LYS C 179 -38.12 28.88 -16.50
C LYS C 179 -38.72 27.83 -15.59
N GLN C 180 -39.90 28.11 -15.04
CA GLN C 180 -40.68 27.08 -14.38
C GLN C 180 -41.13 26.02 -15.36
N GLN C 181 -41.17 26.36 -16.66
CA GLN C 181 -41.41 25.37 -17.70
C GLN C 181 -40.34 24.30 -17.68
N LEU C 182 -39.08 24.71 -17.52
CA LEU C 182 -37.96 23.78 -17.53
C LEU C 182 -38.05 22.77 -16.39
N GLN C 183 -38.42 23.25 -15.20
CA GLN C 183 -38.44 22.38 -14.03
C GLN C 183 -39.41 21.21 -14.20
N ARG C 184 -40.44 21.37 -15.03
CA ARG C 184 -41.35 20.27 -15.33
C ARG C 184 -40.88 19.44 -16.51
N GLU C 185 -40.12 20.03 -17.44
CA GLU C 185 -39.52 19.26 -18.52
C GLU C 185 -38.64 18.15 -17.99
N GLN C 186 -37.96 18.40 -16.87
CA GLN C 186 -37.17 17.35 -16.24
C GLN C 186 -38.08 16.24 -15.72
N ASP C 187 -39.19 16.60 -15.08
CA ASP C 187 -40.16 15.60 -14.65
C ASP C 187 -40.79 14.88 -15.83
N ALA C 188 -40.95 15.57 -16.97
CA ALA C 188 -41.44 14.91 -18.17
C ALA C 188 -40.44 13.90 -18.69
N ILE C 189 -39.14 14.16 -18.49
CA ILE C 189 -38.13 13.18 -18.87
C ILE C 189 -38.18 11.98 -17.94
N PHE C 190 -38.30 12.23 -16.63
CA PHE C 190 -38.37 11.15 -15.65
C PHE C 190 -39.63 10.32 -15.76
N ALA C 191 -40.62 10.78 -16.54
CA ALA C 191 -41.80 9.96 -16.79
C ALA C 191 -41.54 8.94 -17.89
N ALA C 192 -40.86 9.35 -18.95
CA ALA C 192 -40.51 8.43 -20.03
C ALA C 192 -39.46 7.41 -19.62
N VAL C 193 -38.81 7.59 -18.47
CA VAL C 193 -37.82 6.65 -17.96
C VAL C 193 -38.54 5.46 -17.36
N PRO C 194 -38.39 4.26 -17.91
CA PRO C 194 -39.09 3.09 -17.35
C PRO C 194 -38.41 2.59 -16.09
N VAL C 195 -39.24 2.21 -15.11
CA VAL C 195 -38.74 1.64 -13.87
C VAL C 195 -38.50 0.15 -14.08
N PRO C 196 -37.27 -0.34 -13.86
CA PRO C 196 -37.05 -1.79 -13.93
C PRO C 196 -37.91 -2.54 -12.93
N ALA C 197 -38.32 -3.74 -13.33
CA ALA C 197 -39.20 -4.57 -12.52
C ALA C 197 -38.50 -4.96 -11.24
N GLY C 198 -38.78 -4.25 -10.15
CA GLY C 198 -38.15 -4.48 -8.87
C GLY C 198 -37.04 -3.50 -8.52
N ALA C 199 -36.84 -2.46 -9.32
CA ALA C 199 -35.78 -1.49 -9.02
C ALA C 199 -36.06 -0.75 -7.71
N ASP C 200 -37.33 -0.43 -7.45
CA ASP C 200 -37.67 0.20 -6.17
C ASP C 200 -37.58 -0.78 -5.01
N SER C 201 -37.31 -2.05 -5.27
CA SER C 201 -37.11 -3.04 -4.22
C SER C 201 -35.65 -3.41 -4.01
N LEU C 202 -34.74 -2.85 -4.82
CA LEU C 202 -33.33 -3.14 -4.71
C LEU C 202 -32.79 -2.70 -3.35
N THR C 203 -32.68 -3.65 -2.43
CA THR C 203 -32.25 -3.37 -1.07
C THR C 203 -30.73 -3.39 -0.97
N ALA C 204 -30.21 -2.69 0.03
CA ALA C 204 -28.78 -2.69 0.27
C ALA C 204 -28.34 -4.09 0.71
N PRO C 205 -27.15 -4.54 0.29
CA PRO C 205 -26.71 -5.89 0.66
C PRO C 205 -26.41 -6.03 2.14
N VAL C 206 -27.40 -6.47 2.91
CA VAL C 206 -27.22 -6.69 4.34
C VAL C 206 -26.49 -8.02 4.53
N PRO C 207 -25.28 -8.01 5.13
CA PRO C 207 -24.45 -9.20 5.33
C PRO C 207 -25.18 -10.35 6.03
N GLY D 1 3.59 -3.20 -30.47
CA GLY D 1 3.02 -3.80 -29.27
C GLY D 1 3.90 -3.63 -28.04
N GLY D 2 5.18 -3.85 -28.21
CA GLY D 2 6.15 -3.72 -27.13
C GLY D 2 6.90 -2.41 -27.18
N TRP D 3 8.18 -2.46 -26.84
CA TRP D 3 9.06 -1.31 -26.81
C TRP D 3 10.18 -1.50 -27.82
N LYS D 4 10.46 -0.46 -28.61
CA LYS D 4 11.52 -0.47 -29.61
C LYS D 4 12.75 0.24 -29.06
N GLY D 5 13.92 -0.39 -29.22
CA GLY D 5 15.16 0.21 -28.83
C GLY D 5 15.86 0.81 -30.03
N GLU D 6 16.18 2.10 -29.93
CA GLU D 6 16.84 2.79 -31.04
C GLU D 6 18.22 2.19 -31.32
N GLY D 7 18.89 1.68 -30.29
CA GLY D 7 20.19 1.07 -30.47
C GLY D 7 20.12 -0.43 -30.64
N GLY D 8 19.28 -0.88 -31.59
CA GLY D 8 19.18 -2.30 -31.87
C GLY D 8 18.57 -3.13 -30.76
N LEU D 9 17.72 -2.55 -29.93
CA LEU D 9 17.08 -3.25 -28.83
C LEU D 9 15.59 -3.41 -29.09
N THR D 10 14.97 -4.32 -28.34
CA THR D 10 13.55 -4.61 -28.50
C THR D 10 13.03 -5.30 -27.26
N LEU D 11 11.73 -5.14 -27.01
CA LEU D 11 11.06 -5.78 -25.89
C LEU D 11 9.64 -6.13 -26.30
N THR D 12 9.16 -7.27 -25.80
CA THR D 12 7.79 -7.66 -26.08
C THR D 12 6.82 -6.89 -25.17
N GLY D 13 5.56 -6.85 -25.59
CA GLY D 13 4.57 -6.09 -24.84
C GLY D 13 4.38 -6.61 -23.43
N GLY D 14 4.28 -7.93 -23.27
CA GLY D 14 4.16 -8.50 -21.94
C GLY D 14 5.37 -8.23 -21.07
N GLU D 15 6.56 -8.28 -21.67
CA GLU D 15 7.77 -7.87 -20.95
C GLU D 15 7.78 -6.37 -20.70
N ASN D 16 7.32 -5.59 -21.70
CA ASN D 16 7.25 -4.14 -21.54
C ASN D 16 6.29 -3.76 -20.42
N ASN D 17 5.15 -4.46 -20.32
CA ASN D 17 4.21 -4.18 -19.24
C ASN D 17 4.82 -4.52 -17.89
N THR D 18 5.71 -5.51 -17.84
CA THR D 18 6.37 -5.86 -16.58
C THR D 18 7.33 -4.76 -16.16
N VAL D 19 7.99 -4.12 -17.13
CA VAL D 19 8.94 -3.05 -16.80
C VAL D 19 8.19 -1.84 -16.24
N ASP D 20 7.13 -1.40 -16.92
CA ASP D 20 6.33 -0.29 -16.41
C ASP D 20 5.65 -0.64 -15.09
N ALA D 21 5.28 -1.90 -14.91
CA ALA D 21 4.79 -2.34 -13.60
C ALA D 21 5.89 -2.26 -12.56
N TYR D 22 7.14 -2.47 -12.96
CA TYR D 22 8.26 -2.39 -12.01
C TYR D 22 8.62 -0.93 -11.71
N VAL D 23 8.50 -0.05 -12.71
CA VAL D 23 8.84 1.36 -12.52
C VAL D 23 7.97 1.96 -11.42
N GLU D 24 6.64 1.81 -11.56
CA GLU D 24 5.76 2.37 -10.55
C GLU D 24 5.86 1.63 -9.23
N ARG D 25 6.11 0.31 -9.28
CA ARG D 25 6.28 -0.45 -8.04
C ARG D 25 7.51 0.02 -7.28
N ALA D 26 8.58 0.38 -8.01
CA ALA D 26 9.75 0.94 -7.36
C ALA D 26 9.50 2.36 -6.88
N ARG D 27 8.67 3.12 -7.59
CA ARG D 27 8.33 4.47 -7.15
C ARG D 27 7.64 4.45 -5.80
N GLU D 28 6.78 3.46 -5.57
CA GLU D 28 6.11 3.34 -4.27
C GLU D 28 7.11 3.00 -3.18
N ALA D 29 8.02 2.06 -3.45
CA ALA D 29 9.04 1.72 -2.47
C ALA D 29 10.01 2.87 -2.24
N GLU D 30 10.28 3.66 -3.29
CA GLU D 30 11.18 4.80 -3.14
C GLU D 30 10.70 5.77 -2.07
N ARG D 31 9.38 5.89 -1.88
CA ARG D 31 8.85 6.78 -0.86
C ARG D 31 9.40 6.42 0.51
N SER D 32 9.30 5.15 0.90
CA SER D 32 9.86 4.72 2.17
C SER D 32 11.37 4.79 2.17
N ILE D 33 12.01 4.61 1.01
CA ILE D 33 13.46 4.61 0.96
C ILE D 33 14.00 6.03 1.07
N SER D 34 13.45 6.95 0.28
CA SER D 34 13.89 8.35 0.36
C SER D 34 13.71 8.92 1.76
N VAL D 35 12.71 8.45 2.49
CA VAL D 35 12.55 8.84 3.89
C VAL D 35 13.76 8.39 4.70
N GLN D 36 14.10 7.11 4.62
CA GLN D 36 15.23 6.59 5.37
C GLN D 36 16.55 7.17 4.89
N VAL D 37 16.63 7.53 3.60
CA VAL D 37 17.87 8.08 3.07
C VAL D 37 18.11 9.48 3.62
N ARG D 38 17.17 10.39 3.39
CA ARG D 38 17.33 11.76 3.85
C ARG D 38 17.46 11.83 5.37
N ALA D 39 16.84 10.89 6.08
CA ALA D 39 16.97 10.87 7.53
C ALA D 39 18.42 10.61 7.95
N ALA D 40 19.00 9.52 7.46
CA ALA D 40 20.39 9.21 7.79
C ALA D 40 21.35 10.22 7.18
N ALA D 41 20.99 10.80 6.02
CA ALA D 41 21.83 11.84 5.44
C ALA D 41 21.91 13.06 6.34
N ALA D 42 20.80 13.40 6.99
CA ALA D 42 20.83 14.50 7.95
C ALA D 42 21.48 14.09 9.27
N MET D 43 21.26 12.83 9.69
CA MET D 43 21.91 12.34 10.89
C MET D 43 23.43 12.38 10.76
N SER D 44 23.93 12.04 9.57
CA SER D 44 25.35 12.13 9.28
C SER D 44 25.76 13.50 8.75
N GLU D 45 24.80 14.41 8.58
CA GLU D 45 25.06 15.74 8.03
C GLU D 45 25.69 15.63 6.64
N ALA D 46 25.06 14.85 5.78
CA ALA D 46 25.50 14.67 4.41
C ALA D 46 24.84 15.72 3.50
N GLU D 47 24.98 15.56 2.19
CA GLU D 47 24.38 16.46 1.23
C GLU D 47 23.76 15.67 0.10
N MET D 48 22.51 16.01 -0.23
CA MET D 48 21.80 15.37 -1.34
C MET D 48 22.38 15.87 -2.66
N VAL D 49 23.02 14.97 -3.40
CA VAL D 49 23.61 15.28 -4.70
C VAL D 49 22.81 14.54 -5.75
N GLY D 50 22.23 15.27 -6.69
CA GLY D 50 21.42 14.66 -7.73
C GLY D 50 20.22 13.92 -7.19
N PHE D 51 19.60 14.45 -6.13
CA PHE D 51 18.43 13.78 -5.55
C PHE D 51 17.25 13.77 -6.52
N ASP D 52 17.17 14.75 -7.40
CA ASP D 52 16.11 14.77 -8.41
C ASP D 52 16.25 13.61 -9.41
N GLN D 53 17.44 13.02 -9.51
CA GLN D 53 17.68 11.88 -10.39
C GLN D 53 17.69 10.56 -9.64
N ARG D 54 17.06 10.50 -8.47
CA ARG D 54 17.13 9.31 -7.64
C ARG D 54 16.46 8.10 -8.27
N LEU D 55 15.50 8.31 -9.16
CA LEU D 55 14.78 7.22 -9.82
C LEU D 55 15.25 7.12 -11.27
N LYS D 56 15.56 5.90 -11.69
CA LYS D 56 16.03 5.67 -13.05
C LYS D 56 14.90 5.89 -14.05
N SER D 57 15.24 6.48 -15.19
CA SER D 57 14.22 6.73 -16.20
C SER D 57 13.77 5.41 -16.82
N PRO D 58 12.46 5.27 -17.10
CA PRO D 58 11.99 4.00 -17.70
C PRO D 58 12.64 3.68 -19.03
N ASP D 59 13.04 4.69 -19.81
CA ASP D 59 13.74 4.43 -21.06
C ASP D 59 15.08 3.74 -20.81
N SER D 60 15.85 4.25 -19.84
CA SER D 60 17.12 3.62 -19.52
C SER D 60 16.92 2.22 -18.94
N LEU D 61 15.83 2.01 -18.21
CA LEU D 61 15.55 0.68 -17.66
C LEU D 61 15.26 -0.32 -18.78
N LYS D 62 14.54 0.10 -19.81
CA LYS D 62 14.24 -0.79 -20.92
C LYS D 62 15.47 -1.07 -21.77
N ARG D 63 16.41 -0.11 -21.84
CA ARG D 63 17.65 -0.34 -22.55
C ARG D 63 18.52 -1.36 -21.82
N LYS D 64 18.50 -1.33 -20.49
CA LYS D 64 19.37 -2.22 -19.72
C LYS D 64 18.87 -3.66 -19.75
N VAL D 65 17.54 -3.84 -19.72
CA VAL D 65 16.99 -5.20 -19.70
C VAL D 65 17.02 -5.81 -21.10
N ALA D 66 16.81 -4.99 -22.14
CA ALA D 66 16.89 -5.50 -23.50
C ALA D 66 18.30 -5.93 -23.87
N THR D 67 19.31 -5.39 -23.18
CA THR D 67 20.68 -5.84 -23.38
C THR D 67 20.96 -7.10 -22.56
N ALA D 68 20.49 -7.14 -21.31
CA ALA D 68 20.72 -8.30 -20.47
C ALA D 68 20.01 -9.53 -21.02
N LEU D 69 18.77 -9.37 -21.47
CA LEU D 69 18.03 -10.50 -22.06
C LEU D 69 18.77 -11.06 -23.26
N ALA D 70 19.35 -10.18 -24.09
CA ALA D 70 20.10 -10.65 -25.25
C ALA D 70 21.33 -11.44 -24.84
N GLU D 71 21.98 -11.03 -23.74
CA GLU D 71 23.21 -11.71 -23.32
C GLU D 71 22.93 -13.03 -22.61
N GLN D 72 21.83 -13.12 -21.87
CA GLN D 72 21.47 -14.33 -21.13
C GLN D 72 20.00 -14.66 -21.34
N PRO D 73 19.62 -15.14 -22.51
CA PRO D 73 18.27 -15.68 -22.68
C PRO D 73 18.13 -17.00 -21.93
N GLY D 74 16.88 -17.37 -21.66
CA GLY D 74 16.58 -18.46 -20.76
C GLY D 74 16.25 -18.00 -19.36
N ARG D 75 16.43 -16.73 -19.07
CA ARG D 75 15.98 -16.11 -17.83
C ARG D 75 14.93 -15.06 -18.17
N ASN D 76 13.80 -15.11 -17.48
CA ASN D 76 12.68 -14.23 -17.78
C ASN D 76 13.00 -12.79 -17.36
N VAL D 77 12.11 -11.87 -17.76
CA VAL D 77 12.28 -10.47 -17.40
C VAL D 77 12.21 -10.28 -15.90
N ASP D 78 11.42 -11.12 -15.22
CA ASP D 78 11.35 -11.04 -13.76
C ASP D 78 12.72 -11.24 -13.14
N THR D 79 13.47 -12.23 -13.63
CA THR D 79 14.82 -12.46 -13.14
C THR D 79 15.76 -11.33 -13.54
N VAL D 80 15.60 -10.80 -14.76
CA VAL D 80 16.44 -9.69 -15.19
C VAL D 80 16.11 -8.43 -14.40
N LEU D 81 14.83 -8.17 -14.18
CA LEU D 81 14.44 -7.03 -13.35
C LEU D 81 14.89 -7.23 -11.91
N ALA D 82 14.86 -8.47 -11.42
CA ALA D 82 15.34 -8.74 -10.07
C ALA D 82 16.84 -8.50 -9.97
N GLY D 83 17.57 -8.62 -11.07
CA GLY D 83 18.99 -8.33 -11.07
C GLY D 83 19.35 -6.86 -11.12
N ILE D 84 18.39 -6.00 -11.44
CA ILE D 84 18.64 -4.56 -11.49
C ILE D 84 18.93 -4.07 -10.08
N THR D 85 20.03 -3.33 -9.93
CA THR D 85 20.48 -2.86 -8.62
C THR D 85 20.37 -1.36 -8.43
N ALA D 86 20.36 -0.58 -9.51
CA ALA D 86 20.39 0.87 -9.43
C ALA D 86 19.11 1.48 -10.00
N ALA D 87 17.98 0.81 -9.80
CA ALA D 87 16.71 1.39 -10.22
C ALA D 87 16.41 2.66 -9.44
N VAL D 88 16.65 2.64 -8.13
CA VAL D 88 16.57 3.82 -7.28
C VAL D 88 17.96 4.04 -6.69
N ARG D 89 18.47 5.26 -6.80
CA ARG D 89 19.86 5.55 -6.50
C ARG D 89 19.95 6.82 -5.65
N TYR D 90 21.06 6.95 -4.94
CA TYR D 90 21.29 8.11 -4.10
C TYR D 90 22.78 8.44 -4.05
N THR D 91 23.09 9.71 -3.85
CA THR D 91 24.46 10.19 -3.76
C THR D 91 24.59 11.10 -2.56
N LEU D 92 25.42 10.69 -1.59
CA LEU D 92 25.70 11.48 -0.41
C LEU D 92 27.10 12.07 -0.52
N GLN D 93 27.33 13.16 0.21
CA GLN D 93 28.57 13.90 0.09
C GLN D 93 28.88 14.63 1.38
N TRP D 94 30.11 14.48 1.85
CA TRP D 94 30.65 15.19 3.00
C TRP D 94 31.97 15.85 2.61
N ASP D 95 32.58 16.53 3.59
N ASP D 95 32.58 16.52 3.58
CA ASP D 95 33.96 16.95 3.45
CA ASP D 95 33.96 16.94 3.41
C ASP D 95 34.89 15.75 3.63
C ASP D 95 34.89 15.75 3.64
N ASP D 96 36.17 15.96 3.34
CA ASP D 96 37.14 14.89 3.53
C ASP D 96 37.38 14.58 5.01
N ALA D 97 37.00 15.50 5.90
CA ALA D 97 37.21 15.28 7.32
C ALA D 97 36.12 14.42 7.94
N ALA D 98 34.85 14.67 7.59
CA ALA D 98 33.72 13.94 8.14
C ALA D 98 33.15 12.91 7.17
N TYR D 99 33.90 12.57 6.12
CA TYR D 99 33.42 11.56 5.18
C TYR D 99 33.33 10.19 5.84
N THR D 100 34.44 9.74 6.46
CA THR D 100 34.48 8.39 7.01
C THR D 100 33.46 8.20 8.12
N SER D 101 33.39 9.15 9.06
CA SER D 101 32.41 9.04 10.14
C SER D 101 30.99 9.14 9.62
N GLY D 102 30.76 9.93 8.57
CA GLY D 102 29.42 10.04 8.01
C GLY D 102 28.98 8.76 7.32
N VAL D 103 29.89 8.14 6.56
CA VAL D 103 29.57 6.86 5.92
C VAL D 103 29.27 5.79 6.96
N ALA D 104 30.09 5.72 8.01
CA ALA D 104 29.87 4.73 9.06
C ALA D 104 28.53 4.96 9.76
N THR D 105 28.08 6.21 9.82
CA THR D 105 26.80 6.51 10.47
C THR D 105 25.63 6.09 9.59
N VAL D 106 25.68 6.43 8.30
CA VAL D 106 24.60 6.09 7.39
C VAL D 106 24.42 4.59 7.30
N ALA D 107 25.52 3.86 7.11
CA ALA D 107 25.43 2.42 6.94
C ALA D 107 24.96 1.72 8.21
N ASP D 108 25.30 2.25 9.38
CA ASP D 108 24.86 1.62 10.62
C ASP D 108 23.38 1.82 10.85
N THR D 109 22.86 3.00 10.50
CA THR D 109 21.44 3.26 10.69
C THR D 109 20.58 2.56 9.63
N LEU D 110 21.09 2.47 8.40
CA LEU D 110 20.38 1.72 7.37
C LEU D 110 20.31 0.25 7.71
N ALA D 111 21.42 -0.33 8.17
CA ALA D 111 21.42 -1.72 8.61
C ALA D 111 20.53 -1.89 9.84
N GLY D 112 20.54 -0.92 10.75
CA GLY D 112 19.64 -0.97 11.89
C GLY D 112 18.18 -0.91 11.47
N TRP D 113 17.89 -0.25 10.35
CA TRP D 113 16.56 -0.20 9.77
C TRP D 113 16.26 -1.42 8.90
N ARG D 114 17.06 -2.49 9.04
CA ARG D 114 16.83 -3.77 8.38
C ARG D 114 16.91 -3.66 6.86
N ASN D 115 17.89 -2.90 6.37
CA ASN D 115 18.21 -2.85 4.95
C ASN D 115 19.42 -3.73 4.69
N ASP D 116 19.21 -4.85 4.02
CA ASP D 116 20.29 -5.80 3.77
C ASP D 116 21.31 -5.21 2.80
N SER D 117 22.58 -5.28 3.17
CA SER D 117 23.66 -4.84 2.29
C SER D 117 24.02 -5.97 1.33
N VAL D 118 24.11 -5.63 0.04
CA VAL D 118 24.41 -6.64 -0.98
C VAL D 118 25.65 -6.31 -1.80
N LYS D 119 26.15 -5.08 -1.75
CA LYS D 119 27.38 -4.71 -2.45
C LYS D 119 28.15 -3.72 -1.60
N TRP D 120 29.45 -3.66 -1.84
CA TRP D 120 30.32 -2.73 -1.12
C TRP D 120 31.60 -2.49 -1.91
N SER D 121 31.48 -1.83 -3.06
CA SER D 121 32.60 -1.61 -3.97
C SER D 121 33.48 -0.49 -3.43
N ASN D 122 34.38 -0.87 -2.52
CA ASN D 122 35.33 0.07 -1.93
C ASN D 122 36.59 0.08 -2.77
N THR D 123 36.82 1.19 -3.49
CA THR D 123 37.98 1.32 -4.37
C THR D 123 38.91 2.44 -3.91
N TRP D 124 38.83 2.85 -2.64
CA TRP D 124 39.70 3.90 -2.15
C TRP D 124 41.15 3.42 -2.08
N GLY D 125 41.37 2.18 -1.65
CA GLY D 125 42.71 1.66 -1.50
C GLY D 125 43.36 1.22 -2.80
N ARG D 126 43.10 1.98 -3.87
CA ARG D 126 43.67 1.70 -5.18
C ARG D 126 44.58 2.88 -5.55
N ALA D 127 45.90 2.63 -5.59
CA ALA D 127 46.82 3.65 -6.05
C ALA D 127 46.59 3.98 -7.51
N SER D 128 46.06 3.04 -8.28
CA SER D 128 45.68 3.26 -9.67
C SER D 128 44.31 2.66 -9.89
N GLY D 129 43.39 3.46 -10.43
CA GLY D 129 42.01 3.05 -10.63
C GLY D 129 41.08 4.03 -9.95
N TYR D 130 39.87 4.13 -10.48
CA TYR D 130 38.90 5.10 -9.96
C TYR D 130 38.60 4.81 -8.49
N LYS D 131 38.78 5.83 -7.65
CA LYS D 131 38.64 5.69 -6.21
C LYS D 131 37.28 6.20 -5.77
N GLY D 132 36.51 5.33 -5.14
CA GLY D 132 35.20 5.72 -4.66
C GLY D 132 34.59 4.61 -3.82
N LEU D 133 33.28 4.71 -3.62
CA LEU D 133 32.55 3.70 -2.87
C LEU D 133 31.13 3.57 -3.40
N ASN D 134 30.71 2.33 -3.66
CA ASN D 134 29.35 2.03 -4.09
C ASN D 134 28.79 0.94 -3.18
N THR D 135 27.63 1.22 -2.58
CA THR D 135 26.97 0.29 -1.67
C THR D 135 25.56 0.02 -2.17
N GLY D 136 25.22 -1.25 -2.30
CA GLY D 136 23.88 -1.68 -2.70
C GLY D 136 23.12 -2.24 -1.52
N TRP D 137 21.83 -1.94 -1.47
CA TRP D 137 20.98 -2.35 -0.35
C TRP D 137 19.65 -2.87 -0.88
N ARG D 138 18.94 -3.59 -0.02
CA ARG D 138 17.61 -4.10 -0.31
C ARG D 138 16.64 -3.63 0.76
N ALA D 139 15.53 -3.05 0.32
CA ALA D 139 14.54 -2.52 1.25
C ALA D 139 13.96 -3.63 2.13
N PRO D 140 13.58 -3.31 3.37
CA PRO D 140 13.08 -4.35 4.28
C PRO D 140 11.78 -4.98 3.82
N ARG D 141 10.75 -4.15 3.63
CA ARG D 141 9.43 -4.68 3.31
C ARG D 141 9.27 -4.94 1.83
N SER D 142 9.55 -3.94 1.00
CA SER D 142 9.35 -4.05 -0.45
C SER D 142 10.39 -4.91 -1.13
N GLY D 143 11.55 -5.12 -0.50
CA GLY D 143 12.61 -5.85 -1.14
C GLY D 143 13.21 -5.18 -2.35
N GLN D 144 13.05 -3.86 -2.45
CA GLN D 144 13.57 -3.11 -3.58
C GLN D 144 15.08 -2.92 -3.44
N LEU D 145 15.79 -3.12 -4.56
CA LEU D 145 17.24 -2.97 -4.59
C LEU D 145 17.59 -1.52 -4.95
N PHE D 146 18.32 -0.85 -4.08
CA PHE D 146 18.73 0.53 -4.31
C PHE D 146 20.20 0.69 -3.99
N GLU D 147 20.85 1.61 -4.72
CA GLU D 147 22.26 1.90 -4.54
C GLU D 147 22.44 3.23 -3.84
N VAL D 148 23.45 3.30 -2.98
CA VAL D 148 23.83 4.53 -2.28
C VAL D 148 25.34 4.66 -2.39
N GLN D 149 25.80 5.62 -3.19
CA GLN D 149 27.22 5.86 -3.36
C GLN D 149 27.65 7.07 -2.52
N PHE D 150 28.88 7.02 -2.02
CA PHE D 150 29.42 8.04 -1.13
C PHE D 150 30.61 8.71 -1.79
N HIS D 151 30.64 10.04 -1.74
CA HIS D 151 31.68 10.82 -2.38
C HIS D 151 32.12 11.97 -1.49
N THR D 152 33.32 12.47 -1.75
CA THR D 152 33.75 13.74 -1.21
C THR D 152 33.46 14.83 -2.25
N GLU D 153 33.72 16.09 -1.88
CA GLU D 153 33.53 17.17 -2.83
C GLU D 153 34.50 17.04 -4.00
N ALA D 154 35.69 16.46 -3.75
CA ALA D 154 36.66 16.28 -4.82
C ALA D 154 36.38 15.02 -5.65
N SER D 155 35.98 13.92 -4.99
CA SER D 155 35.66 12.71 -5.72
C SER D 155 34.44 12.87 -6.61
N LYS D 156 33.49 13.72 -6.20
CA LYS D 156 32.35 14.00 -7.07
C LYS D 156 32.77 14.84 -8.27
N LYS D 157 33.62 15.84 -8.06
CA LYS D 157 34.10 16.64 -9.18
C LYS D 157 34.97 15.80 -10.13
N ALA D 158 35.72 14.84 -9.60
CA ALA D 158 36.57 14.01 -10.44
C ALA D 158 35.73 13.14 -11.37
N GLN D 159 34.69 12.51 -10.83
CA GLN D 159 33.85 11.65 -11.66
C GLN D 159 33.17 12.41 -12.77
N GLU D 160 32.77 13.66 -12.51
CA GLU D 160 32.15 14.47 -13.56
C GLU D 160 33.17 14.88 -14.62
N THR D 161 34.37 15.28 -14.19
CA THR D 161 35.40 15.70 -15.13
C THR D 161 35.94 14.52 -15.91
N THR D 162 36.17 13.39 -15.25
CA THR D 162 36.65 12.19 -15.91
C THR D 162 35.58 11.58 -16.80
N LEU D 182 43.34 8.47 -22.46
CA LEU D 182 42.18 8.45 -21.59
C LEU D 182 42.49 7.74 -20.28
N GLN D 183 43.12 6.56 -20.38
CA GLN D 183 43.50 5.82 -19.19
C GLN D 183 44.34 6.69 -18.25
N ARG D 184 45.36 7.34 -18.79
CA ARG D 184 46.19 8.24 -17.98
C ARG D 184 45.62 9.65 -17.89
N GLU D 185 44.75 10.03 -18.82
CA GLU D 185 44.05 11.30 -18.68
C GLU D 185 43.05 11.25 -17.54
N GLN D 186 42.48 10.08 -17.26
CA GLN D 186 41.55 9.91 -16.15
C GLN D 186 42.23 9.46 -14.86
N ASP D 187 43.28 8.63 -14.96
CA ASP D 187 43.96 8.18 -13.75
C ASP D 187 44.67 9.33 -13.05
N ALA D 188 45.04 10.37 -13.79
CA ALA D 188 45.66 11.54 -13.16
C ALA D 188 44.70 12.24 -12.21
N ILE D 189 43.43 12.38 -12.62
CA ILE D 189 42.45 13.01 -11.74
C ILE D 189 42.10 12.09 -10.58
N PHE D 190 42.07 10.78 -10.81
CA PHE D 190 41.80 9.84 -9.72
C PHE D 190 42.94 9.83 -8.71
N ALA D 191 44.19 9.90 -9.18
CA ALA D 191 45.32 9.97 -8.26
C ALA D 191 45.39 11.33 -7.58
N ALA D 192 44.95 12.39 -8.26
CA ALA D 192 44.95 13.72 -7.65
C ALA D 192 43.89 13.89 -6.58
N VAL D 193 42.93 12.97 -6.50
CA VAL D 193 41.88 13.07 -5.48
C VAL D 193 42.39 12.46 -4.17
N PRO D 194 42.30 13.17 -3.05
CA PRO D 194 42.74 12.61 -1.79
C PRO D 194 41.80 11.52 -1.31
N VAL D 195 42.38 10.47 -0.74
CA VAL D 195 41.62 9.44 -0.05
C VAL D 195 41.35 9.92 1.36
N PRO D 196 40.10 10.05 1.79
CA PRO D 196 39.83 10.43 3.18
C PRO D 196 40.46 9.45 4.15
N ALA D 197 40.83 9.96 5.32
CA ALA D 197 41.50 9.13 6.32
C ALA D 197 40.61 7.97 6.72
N GLY D 198 41.09 6.75 6.44
CA GLY D 198 40.33 5.56 6.74
C GLY D 198 39.23 5.21 5.75
N ALA D 199 39.16 5.91 4.62
CA ALA D 199 38.14 5.60 3.63
C ALA D 199 38.30 4.18 3.10
N ASP D 200 39.54 3.76 2.86
CA ASP D 200 39.79 2.40 2.40
C ASP D 200 39.65 1.36 3.49
N SER D 201 39.31 1.77 4.72
CA SER D 201 39.11 0.86 5.84
C SER D 201 37.64 0.67 6.18
N LEU D 202 36.73 1.21 5.37
CA LEU D 202 35.30 1.12 5.64
C LEU D 202 34.79 -0.26 5.29
N THR D 203 34.19 -0.94 6.26
CA THR D 203 33.65 -2.28 6.09
C THR D 203 32.12 -2.23 6.08
N ALA D 204 31.53 -3.20 5.39
CA ALA D 204 30.09 -3.31 5.39
C ALA D 204 29.59 -3.65 6.80
N PRO D 205 28.42 -3.14 7.17
CA PRO D 205 27.89 -3.41 8.52
C PRO D 205 27.47 -4.86 8.66
N VAL D 206 27.74 -5.44 9.82
CA VAL D 206 27.31 -6.78 10.18
C VAL D 206 26.21 -6.66 11.22
N PRO D 207 24.99 -7.16 10.96
CA PRO D 207 23.87 -7.08 11.90
C PRO D 207 24.13 -7.81 13.21
#